data_9UST
#
_entry.id   9UST
#
loop_
_entity.id
_entity.type
_entity.pdbx_description
1 polymer 'Gq protein alpha subunit'
2 polymer 'Guanine nucleotide-binding protein G(I)/G(S)/G(T) subunit beta-1'
3 polymer 'Guanine nucleotide-binding protein G(I)/G(S)/G(O) subunit gamma-2'
4 polymer MRGPRE
5 polymer scFv16
6 non-polymer (~{E})-3-(2-methoxyphenyl)prop-2-enal
#
loop_
_entity_poly.entity_id
_entity_poly.type
_entity_poly.pdbx_seq_one_letter_code
_entity_poly.pdbx_strand_id
1 'polypeptide(L)'
;CTLSAEDKAAVERSKMIEKQLQKDKQVYRRTLRLLLLGADNSGKSTIVKQMRIYHVNGYSEEECKQYKAVVYSNTIQSII
AIIRAMGRLKIDFGDSARADDARQLFVLAGAAEEGFMTAELAGVIKRLWKDSGVQACFNRSREYQLNDSAAYYLNDLDRI
AQPNYIPTQQDVLRTRVKTSGIFETKFQVDKVNFHMFDVGAQRDERRKWIQCFNDVTAIIFVVDSSDYNRLQEALNDFKS
IWNNRWLRTISVILFLNKQDLLAEKVLAGKSKIEDYFPEFARYTTPEDATPEPGEDPRVTRAKYFIRKEFVDISTASGDG
RHICYPHFTCSVDTENARRIFNDCKDIILQMNLREYNLV
;
A
2 'polypeptide(L)'
;GSLLQSELDQLRQEAEQLKNQIRDARKACADATLSQITNNIDPVGRIQMRTRRTLRGHLAKIYAMHWGTDSRLLVSASQD
GKLIIWDSYTTNKVHAIPLRSSWVMTCAYAPSGNYVACGGLDNICSIYNLKTREGNVRVSRELAGHTGYLSCCRFLDDNQ
IVTSSGDTTCALWDIETGQQTTTFTGHTGDVMSLSLAPDTRLFVSGACDASAKLWDVREGMCRQTFTGHESDINAICFFP
NGNAFATGSDDATCRLFDLRADQELMTYSHDNIICGITSVSFSKSGRLLLAGYDDFNCNVWDALKADRAGVLAGHDNRVS
CLGVTDDGMAVATGSWDSFLKIWN
;
B
3 'polypeptide(L)' ASNNTASIAQARKLVEQLKMEANIDRIKVSKAAADLMAYCEAHAKEDPLLTPVPASENPFREKKFFCAIL G
4 'polypeptide(L)'
;AHEPRNDSMGVSPRPQPWPSHPNNGSELPTAANATAHATSVDGAHAFSAYENTLFLATVLVSLCGLVGNGTVIWLLGFRI
KRNPFSVYILNLAGADFAFLFCKSVRFLLLVLNRSVAVLNVLIRGVTFSSYLGGLSLLMAVSVERCLSVLFPIWYRCRRL
AQLSAIACALIWGLSLCMGILVFLCVHFVDFLCDVVNLVYNGMFFLTFLVLCASSLALLIWVQCFSMRRQPARLSRIVLL
TVLAFLVLGLPLGAGLLADRLSPSLPCFDILLPILHLLSALNSGVNPLIYFFMGRQRQQRGQKPLREVLQSALTEDVELI
REEPPSPDDT
;
R
5 'polypeptide(L)'
;MVQLVESGGGLVQPGGSRKLSCSASGFAFSSFGMHWVRQAPEKGLEWVAYISSGSGTIYYADTVKGRFTISRDDPKNTLF
LQMTSLRSEDTAMYYCVRSIYYYGSSPFDFWGQGTTLTVSAGGGGSGGGGSGGGGSSDIVMTQATSSVPVTPGESVSISC
RSSKSLLHSNGNTYLYWFLQRPGQSPQLLIYRMSNLASGVPDRFSGSGSGTAFTLTISRLEAEDVGVYYCMQHLEYPLTF
GAGTKLELLEENLYFQGASHHHHHHHH
;
S
#
loop_
_chem_comp.id
_chem_comp.type
_chem_comp.name
_chem_comp.formula
A1D6H non-polymer (~{E})-3-(2-methoxyphenyl)prop-2-enal 'C10 H10 O2'
#
# COMPACT_ATOMS: atom_id res chain seq x y z
N THR A 2 -20.53 17.87 6.51
CA THR A 2 -19.73 18.70 7.39
C THR A 2 -18.43 19.13 6.72
N LEU A 3 -18.08 18.46 5.64
CA LEU A 3 -16.88 18.81 4.88
C LEU A 3 -17.08 20.12 4.13
N SER A 4 -15.99 20.84 3.95
CA SER A 4 -16.03 22.07 3.18
C SER A 4 -16.05 21.74 1.69
N ALA A 5 -16.19 22.77 0.86
CA ALA A 5 -16.16 22.55 -0.59
C ALA A 5 -14.82 21.97 -1.01
N GLU A 6 -13.73 22.54 -0.50
CA GLU A 6 -12.40 22.04 -0.81
C GLU A 6 -12.20 20.64 -0.27
N ASP A 7 -12.74 20.34 0.91
CA ASP A 7 -12.61 18.99 1.45
C ASP A 7 -13.33 17.98 0.57
N LYS A 8 -14.52 18.34 0.07
CA LYS A 8 -15.23 17.45 -0.84
C LYS A 8 -14.44 17.25 -2.13
N ALA A 9 -13.85 18.31 -2.65
CA ALA A 9 -13.06 18.17 -3.87
C ALA A 9 -11.83 17.29 -3.62
N ALA A 10 -11.20 17.43 -2.46
CA ALA A 10 -10.07 16.58 -2.13
C ALA A 10 -10.50 15.12 -2.02
N VAL A 11 -11.67 14.87 -1.43
CA VAL A 11 -12.17 13.51 -1.32
C VAL A 11 -12.44 12.93 -2.70
N GLU A 12 -12.98 13.74 -3.60
CA GLU A 12 -13.23 13.27 -4.96
C GLU A 12 -11.92 12.96 -5.68
N ARG A 13 -10.90 13.77 -5.46
CA ARG A 13 -9.58 13.47 -6.01
C ARG A 13 -9.03 12.18 -5.45
N SER A 14 -9.25 11.93 -4.15
CA SER A 14 -8.82 10.67 -3.56
C SER A 14 -9.55 9.49 -4.19
N LYS A 15 -10.83 9.64 -4.48
CA LYS A 15 -11.57 8.56 -5.13
C LYS A 15 -11.10 8.33 -6.55
N MET A 16 -10.71 9.38 -7.27
CA MET A 16 -10.13 9.18 -8.59
C MET A 16 -8.81 8.43 -8.50
N ILE A 17 -7.98 8.78 -7.51
CA ILE A 17 -6.75 8.04 -7.28
C ILE A 17 -7.06 6.58 -6.96
N GLU A 18 -8.10 6.34 -6.16
CA GLU A 18 -8.59 4.99 -5.93
C GLU A 18 -8.87 4.26 -7.23
N LYS A 19 -9.51 4.94 -8.17
CA LYS A 19 -9.89 4.29 -9.42
C LYS A 19 -8.65 3.89 -10.23
N GLN A 20 -7.70 4.81 -10.35
CA GLN A 20 -6.44 4.43 -11.03
C GLN A 20 -5.73 3.32 -10.27
N LEU A 21 -5.84 3.30 -8.94
CA LEU A 21 -5.17 2.25 -8.17
C LEU A 21 -5.85 0.91 -8.36
N GLN A 22 -7.17 0.89 -8.56
CA GLN A 22 -7.85 -0.38 -8.83
C GLN A 22 -7.49 -0.90 -10.22
N LYS A 23 -7.36 0.00 -11.20
CA LYS A 23 -6.86 -0.44 -12.50
C LYS A 23 -5.45 -0.99 -12.40
N ASP A 24 -4.58 -0.29 -11.65
CA ASP A 24 -3.23 -0.79 -11.45
C ASP A 24 -3.22 -2.09 -10.67
N LYS A 25 -4.20 -2.30 -9.79
CA LYS A 25 -4.31 -3.58 -9.08
C LYS A 25 -4.62 -4.70 -10.04
N GLN A 26 -5.54 -4.47 -10.98
CA GLN A 26 -5.83 -5.49 -11.96
C GLN A 26 -4.60 -5.80 -12.81
N VAL A 27 -3.87 -4.76 -13.22
CA VAL A 27 -2.67 -4.99 -14.01
C VAL A 27 -1.62 -5.74 -13.21
N TYR A 28 -1.43 -5.36 -11.94
CA TYR A 28 -0.46 -6.00 -11.07
C TYR A 28 -0.80 -7.46 -10.83
N ARG A 29 -2.09 -7.76 -10.68
CA ARG A 29 -2.51 -9.13 -10.43
C ARG A 29 -2.36 -9.98 -11.68
N ARG A 30 -2.72 -9.43 -12.84
CA ARG A 30 -2.70 -10.23 -14.06
C ARG A 30 -1.30 -10.56 -14.53
N THR A 31 -0.28 -9.89 -14.01
CA THR A 31 1.09 -10.16 -14.39
C THR A 31 1.76 -11.02 -13.32
N LEU A 32 2.68 -11.89 -13.77
CA LEU A 32 3.36 -12.82 -12.89
C LEU A 32 4.81 -12.39 -12.76
N ARG A 33 5.24 -12.18 -11.52
CA ARG A 33 6.61 -11.75 -11.25
C ARG A 33 7.50 -12.98 -11.07
N LEU A 34 8.64 -12.96 -11.75
CA LEU A 34 9.64 -14.01 -11.70
C LEU A 34 10.98 -13.38 -11.38
N LEU A 35 11.80 -14.08 -10.60
CA LEU A 35 13.14 -13.63 -10.27
C LEU A 35 14.15 -14.62 -10.82
N LEU A 36 15.13 -14.11 -11.55
CA LEU A 36 16.11 -14.93 -12.24
C LEU A 36 17.43 -14.88 -11.48
N LEU A 37 17.91 -16.03 -11.01
CA LEU A 37 19.19 -16.09 -10.34
C LEU A 37 20.12 -17.05 -11.06
N GLY A 38 21.41 -16.86 -10.82
CA GLY A 38 22.43 -17.67 -11.44
C GLY A 38 23.79 -17.06 -11.21
N ALA A 39 24.81 -17.78 -11.65
CA ALA A 39 26.18 -17.32 -11.57
C ALA A 39 26.61 -16.70 -12.89
N ASP A 40 27.78 -16.06 -12.88
CA ASP A 40 28.33 -15.51 -14.10
C ASP A 40 28.63 -16.62 -15.12
N ASN A 41 29.12 -17.75 -14.64
CA ASN A 41 29.33 -18.90 -15.52
C ASN A 41 28.02 -19.37 -16.11
N SER A 42 26.96 -19.38 -15.32
CA SER A 42 25.67 -19.87 -15.80
C SER A 42 25.19 -19.06 -16.98
N GLY A 43 24.62 -19.74 -17.96
CA GLY A 43 24.13 -19.04 -19.12
C GLY A 43 22.79 -18.46 -18.78
N LYS A 44 22.77 -17.18 -18.47
CA LYS A 44 21.61 -16.53 -17.90
C LYS A 44 21.12 -15.37 -18.74
N SER A 45 22.04 -14.56 -19.28
CA SER A 45 21.65 -13.56 -20.27
C SER A 45 21.26 -14.22 -21.58
N THR A 46 21.81 -15.41 -21.86
CA THR A 46 21.36 -16.14 -23.04
C THR A 46 19.89 -16.49 -22.93
N ILE A 47 19.43 -16.85 -21.73
CA ILE A 47 18.03 -17.23 -21.56
C ILE A 47 17.13 -16.01 -21.69
N VAL A 48 17.55 -14.86 -21.15
CA VAL A 48 16.72 -13.66 -21.29
C VAL A 48 16.66 -13.24 -22.75
N LYS A 49 17.76 -13.38 -23.48
CA LYS A 49 17.74 -13.12 -24.91
C LYS A 49 16.81 -14.09 -25.64
N GLN A 50 16.86 -15.37 -25.27
CA GLN A 50 16.03 -16.37 -25.94
C GLN A 50 14.56 -16.10 -25.74
N MET A 51 14.15 -15.74 -24.52
CA MET A 51 12.74 -15.44 -24.30
C MET A 51 12.38 -14.00 -24.62
N ARG A 52 13.34 -13.17 -25.01
CA ARG A 52 12.98 -11.86 -25.51
C ARG A 52 12.76 -11.88 -27.02
N ILE A 53 13.68 -12.49 -27.76
CA ILE A 53 13.58 -12.50 -29.21
C ILE A 53 12.36 -13.29 -29.66
N TYR A 54 12.13 -14.45 -29.05
CA TYR A 54 11.07 -15.35 -29.51
C TYR A 54 9.84 -15.35 -28.61
N HIS A 55 9.96 -14.86 -27.37
CA HIS A 55 8.84 -14.84 -26.42
C HIS A 55 8.25 -16.23 -26.19
N LYS A 178 25.63 1.02 -17.62
CA LYS A 178 25.61 1.86 -16.42
C LYS A 178 25.75 1.01 -15.17
N THR A 179 25.34 1.57 -14.04
CA THR A 179 25.38 0.89 -12.75
C THR A 179 23.98 0.49 -12.29
N SER A 180 23.06 0.30 -13.24
CA SER A 180 21.70 -0.04 -12.90
C SER A 180 21.65 -1.38 -12.19
N GLY A 181 20.76 -1.48 -11.22
CA GLY A 181 20.69 -2.65 -10.39
C GLY A 181 19.74 -3.71 -10.89
N ILE A 182 18.50 -3.32 -11.14
CA ILE A 182 17.45 -4.27 -11.49
C ILE A 182 17.22 -4.19 -13.00
N PHE A 183 17.29 -5.33 -13.66
CA PHE A 183 17.00 -5.47 -15.07
C PHE A 183 15.70 -6.23 -15.21
N GLU A 184 14.81 -5.74 -16.08
CA GLU A 184 13.48 -6.30 -16.22
C GLU A 184 13.28 -6.82 -17.63
N THR A 185 12.47 -7.87 -17.77
CA THR A 185 12.19 -8.47 -19.07
C THR A 185 10.72 -8.91 -19.14
N LYS A 186 9.88 -8.05 -19.71
CA LYS A 186 8.57 -8.48 -20.17
C LYS A 186 8.67 -9.63 -21.17
N PHE A 187 7.80 -10.62 -21.02
CA PHE A 187 7.54 -11.61 -22.05
C PHE A 187 6.22 -12.29 -21.74
N GLN A 188 5.44 -12.60 -22.77
CA GLN A 188 4.12 -13.20 -22.59
C GLN A 188 4.04 -14.54 -23.28
N VAL A 189 3.41 -15.50 -22.59
CA VAL A 189 3.17 -16.84 -23.11
C VAL A 189 1.69 -17.13 -22.94
N ASP A 190 1.00 -17.39 -24.04
CA ASP A 190 -0.43 -17.69 -24.02
C ASP A 190 -1.22 -16.62 -23.27
N LYS A 191 -1.03 -15.38 -23.68
CA LYS A 191 -1.77 -14.22 -23.17
C LYS A 191 -1.59 -14.02 -21.68
N VAL A 192 -0.56 -14.61 -21.08
CA VAL A 192 -0.23 -14.39 -19.68
C VAL A 192 1.08 -13.64 -19.63
N ASN A 193 1.07 -12.48 -18.99
CA ASN A 193 2.22 -11.60 -18.96
C ASN A 193 3.19 -11.99 -17.85
N PHE A 194 4.48 -11.97 -18.15
CA PHE A 194 5.53 -12.29 -17.20
C PHE A 194 6.49 -11.13 -17.10
N HIS A 195 6.81 -10.73 -15.88
CA HIS A 195 7.87 -9.76 -15.60
C HIS A 195 9.00 -10.52 -14.94
N MET A 196 10.09 -10.71 -15.65
CA MET A 196 11.25 -11.45 -15.16
C MET A 196 12.35 -10.46 -14.79
N PHE A 197 12.82 -10.54 -13.55
CA PHE A 197 13.75 -9.58 -12.99
C PHE A 197 15.10 -10.24 -12.74
N ASP A 198 16.16 -9.64 -13.29
CA ASP A 198 17.52 -10.06 -13.03
C ASP A 198 18.16 -8.97 -12.20
N VAL A 199 18.94 -9.36 -11.20
CA VAL A 199 19.52 -8.44 -10.24
C VAL A 199 21.00 -8.32 -10.52
N GLY A 200 21.41 -7.19 -11.08
CA GLY A 200 22.80 -6.92 -11.34
C GLY A 200 23.28 -5.73 -10.53
N ALA A 201 24.58 -5.45 -10.66
CA ALA A 201 25.22 -4.34 -9.95
C ALA A 201 24.98 -4.43 -8.44
N GLN A 202 25.07 -5.65 -7.91
CA GLN A 202 24.92 -5.88 -6.48
C GLN A 202 26.05 -6.78 -6.01
N ARG A 203 26.36 -6.70 -4.72
CA ARG A 203 27.47 -7.47 -4.18
C ARG A 203 27.08 -8.94 -3.99
N ASP A 204 28.02 -9.72 -3.47
CA ASP A 204 27.83 -11.16 -3.34
C ASP A 204 26.72 -11.49 -2.36
N GLU A 205 26.72 -10.84 -1.19
CA GLU A 205 25.72 -11.14 -0.18
C GLU A 205 24.34 -10.70 -0.66
N ARG A 206 23.37 -11.60 -0.55
CA ARG A 206 22.04 -11.34 -1.08
C ARG A 206 20.94 -11.52 -0.05
N ARG A 207 21.30 -11.69 1.22
CA ARG A 207 20.30 -11.94 2.24
C ARG A 207 19.45 -10.72 2.54
N LYS A 208 19.80 -9.55 2.01
CA LYS A 208 19.10 -8.32 2.37
C LYS A 208 18.16 -7.83 1.29
N TRP A 209 18.51 -8.00 0.01
CA TRP A 209 17.58 -7.64 -1.04
C TRP A 209 16.73 -8.81 -1.51
N ILE A 210 16.93 -10.00 -0.93
CA ILE A 210 16.11 -11.13 -1.31
C ILE A 210 14.73 -11.06 -0.66
N GLN A 211 14.56 -10.19 0.33
CA GLN A 211 13.28 -10.05 0.99
C GLN A 211 12.26 -9.30 0.14
N CYS A 212 12.72 -8.59 -0.88
CA CYS A 212 11.81 -7.93 -1.80
C CYS A 212 11.03 -8.94 -2.63
N PHE A 213 11.43 -10.20 -2.62
CA PHE A 213 10.86 -11.23 -3.47
C PHE A 213 10.15 -12.29 -2.66
N ASN A 214 9.35 -11.90 -1.72
CA ASN A 214 8.59 -12.81 -0.94
C ASN A 214 7.29 -13.05 -1.69
N ASP A 215 6.95 -12.28 -2.71
CA ASP A 215 5.69 -12.39 -3.42
C ASP A 215 5.86 -12.78 -4.90
N VAL A 216 7.08 -13.09 -5.32
CA VAL A 216 7.29 -13.50 -6.71
C VAL A 216 6.74 -14.89 -6.93
N THR A 217 6.14 -15.11 -8.09
CA THR A 217 5.51 -16.39 -8.37
C THR A 217 6.54 -17.52 -8.37
N ALA A 218 7.70 -17.30 -8.99
CA ALA A 218 8.73 -18.32 -9.04
C ALA A 218 10.09 -17.68 -9.12
N ILE A 219 11.09 -18.37 -8.59
CA ILE A 219 12.48 -17.99 -8.68
C ILE A 219 13.14 -18.89 -9.69
N ILE A 220 13.67 -18.32 -10.77
CA ILE A 220 14.30 -19.11 -11.81
C ILE A 220 15.78 -19.18 -11.50
N PHE A 221 16.27 -20.37 -11.23
CA PHE A 221 17.68 -20.60 -10.89
C PHE A 221 18.34 -21.31 -12.06
N VAL A 222 19.35 -20.70 -12.64
CA VAL A 222 20.07 -21.25 -13.78
C VAL A 222 21.42 -21.75 -13.29
N VAL A 223 21.68 -23.04 -13.49
CA VAL A 223 22.91 -23.67 -13.04
C VAL A 223 23.59 -24.29 -14.25
N ASP A 224 24.86 -23.96 -14.46
CA ASP A 224 25.61 -24.46 -15.60
C ASP A 224 26.00 -25.91 -15.34
N SER A 225 25.35 -26.85 -16.01
CA SER A 225 25.67 -28.25 -15.81
C SER A 225 27.01 -28.63 -16.39
N SER A 226 27.60 -27.78 -17.22
CA SER A 226 28.87 -28.12 -17.85
C SER A 226 30.02 -28.07 -16.87
N ASP A 227 30.09 -27.02 -16.05
CA ASP A 227 31.21 -26.80 -15.15
C ASP A 227 31.02 -27.61 -13.88
N TYR A 228 31.80 -28.66 -13.73
CA TYR A 228 31.72 -29.47 -12.51
C TYR A 228 32.43 -28.82 -11.35
N ASN A 229 33.50 -28.08 -11.62
CA ASN A 229 34.29 -27.49 -10.54
C ASN A 229 33.47 -26.52 -9.72
N ARG A 230 32.70 -25.67 -10.39
CA ARG A 230 31.87 -24.67 -9.73
C ARG A 230 30.48 -25.19 -9.42
N LEU A 231 30.22 -26.47 -9.67
CA LEU A 231 28.90 -27.01 -9.43
C LEU A 231 28.58 -27.04 -7.95
N GLN A 232 29.56 -27.37 -7.11
CA GLN A 232 29.29 -27.52 -5.69
C GLN A 232 28.81 -26.22 -5.08
N GLU A 233 29.39 -25.09 -5.49
CA GLU A 233 28.91 -23.82 -4.96
C GLU A 233 27.55 -23.47 -5.53
N ALA A 234 27.22 -23.99 -6.71
CA ALA A 234 25.87 -23.81 -7.23
C ALA A 234 24.85 -24.50 -6.34
N LEU A 235 25.16 -25.70 -5.85
CA LEU A 235 24.28 -26.35 -4.89
C LEU A 235 24.17 -25.55 -3.60
N ASN A 236 25.26 -24.93 -3.16
CA ASN A 236 25.20 -24.14 -1.93
C ASN A 236 24.33 -22.90 -2.11
N ASP A 237 24.44 -22.24 -3.26
CA ASP A 237 23.56 -21.12 -3.55
C ASP A 237 22.11 -21.56 -3.62
N PHE A 238 21.87 -22.72 -4.24
CA PHE A 238 20.52 -23.26 -4.28
C PHE A 238 20.00 -23.55 -2.89
N LYS A 239 20.85 -24.09 -2.02
CA LYS A 239 20.43 -24.40 -0.66
C LYS A 239 20.10 -23.12 0.09
N SER A 240 20.90 -22.07 -0.11
CA SER A 240 20.62 -20.79 0.54
C SER A 240 19.28 -20.23 0.08
N ILE A 241 18.98 -20.38 -1.20
CA ILE A 241 17.71 -19.89 -1.73
C ILE A 241 16.55 -20.72 -1.20
N TRP A 242 16.72 -22.05 -1.16
CA TRP A 242 15.62 -22.92 -0.75
C TRP A 242 15.31 -22.73 0.72
N ASN A 243 16.33 -22.70 1.57
CA ASN A 243 16.15 -22.59 3.00
C ASN A 243 16.30 -21.13 3.47
N ASN A 244 15.53 -20.24 2.85
CA ASN A 244 15.54 -18.83 3.22
C ASN A 244 14.21 -18.51 3.87
N ARG A 245 14.25 -17.83 5.02
CA ARG A 245 13.04 -17.59 5.79
C ARG A 245 12.04 -16.74 5.04
N TRP A 246 12.47 -16.05 3.99
CA TRP A 246 11.58 -15.19 3.21
C TRP A 246 11.08 -15.85 1.94
N LEU A 247 11.87 -16.74 1.36
CA LEU A 247 11.45 -17.53 0.22
C LEU A 247 10.96 -18.91 0.62
N ARG A 248 10.39 -19.03 1.83
CA ARG A 248 9.88 -20.31 2.30
C ARG A 248 8.60 -20.71 1.61
N THR A 249 7.99 -19.83 0.83
CA THR A 249 6.75 -20.12 0.12
C THR A 249 6.86 -19.84 -1.38
N ILE A 250 8.08 -19.87 -1.92
CA ILE A 250 8.31 -19.50 -3.32
C ILE A 250 8.93 -20.68 -4.03
N SER A 251 8.26 -21.16 -5.06
CA SER A 251 8.77 -22.28 -5.83
C SER A 251 9.97 -21.84 -6.66
N VAL A 252 10.80 -22.81 -7.01
CA VAL A 252 12.02 -22.57 -7.77
C VAL A 252 11.95 -23.37 -9.05
N ILE A 253 11.97 -22.67 -10.18
CA ILE A 253 12.09 -23.30 -11.48
C ILE A 253 13.57 -23.37 -11.81
N LEU A 254 14.09 -24.58 -11.94
CA LEU A 254 15.52 -24.84 -12.05
C LEU A 254 15.85 -25.17 -13.50
N PHE A 255 16.82 -24.47 -14.05
CA PHE A 255 17.25 -24.65 -15.44
C PHE A 255 18.69 -25.14 -15.39
N LEU A 256 18.90 -26.42 -15.68
CA LEU A 256 20.25 -26.95 -15.77
C LEU A 256 20.74 -26.64 -17.19
N ASN A 257 21.37 -25.50 -17.33
CA ASN A 257 21.73 -24.92 -18.62
C ASN A 257 23.05 -25.48 -19.13
N LYS A 258 23.31 -25.19 -20.41
CA LYS A 258 24.54 -25.54 -21.10
C LYS A 258 24.77 -27.05 -21.05
N GLN A 259 23.86 -27.76 -21.70
CA GLN A 259 23.93 -29.21 -21.78
C GLN A 259 24.47 -29.72 -23.10
N ASP A 260 24.43 -28.90 -24.15
CA ASP A 260 25.24 -29.19 -25.32
C ASP A 260 26.72 -29.24 -24.93
N LEU A 261 27.12 -28.40 -23.98
CA LEU A 261 28.48 -28.47 -23.45
C LEU A 261 28.64 -29.66 -22.51
N LEU A 262 27.57 -30.08 -21.85
CA LEU A 262 27.68 -31.23 -20.94
C LEU A 262 27.91 -32.51 -21.70
N ALA A 263 27.19 -32.71 -22.81
CA ALA A 263 27.41 -33.91 -23.62
C ALA A 263 28.81 -33.93 -24.21
N GLU A 264 29.26 -32.80 -24.76
CA GLU A 264 30.60 -32.72 -25.31
C GLU A 264 31.68 -32.87 -24.26
N LYS A 265 31.35 -32.66 -22.98
CA LYS A 265 32.31 -32.83 -21.91
C LYS A 265 32.33 -34.24 -21.36
N VAL A 266 31.17 -34.91 -21.33
CA VAL A 266 31.11 -36.26 -20.79
C VAL A 266 31.48 -37.30 -21.85
N LEU A 267 31.39 -36.95 -23.13
CA LEU A 267 31.79 -37.85 -24.21
C LEU A 267 33.27 -37.71 -24.57
N ALA A 268 34.07 -37.08 -23.72
CA ALA A 268 35.49 -36.97 -23.98
C ALA A 268 36.28 -37.77 -22.95
N GLY A 269 35.69 -37.96 -21.76
CA GLY A 269 36.32 -38.72 -20.71
C GLY A 269 37.43 -38.00 -19.98
N LYS A 270 37.66 -36.73 -20.29
CA LYS A 270 38.73 -35.96 -19.66
C LYS A 270 38.26 -35.25 -18.40
N SER A 271 36.99 -35.44 -18.01
CA SER A 271 36.47 -34.80 -16.81
C SER A 271 35.34 -35.69 -16.29
N LYS A 272 35.66 -36.51 -15.29
CA LYS A 272 34.69 -37.42 -14.70
C LYS A 272 34.16 -36.80 -13.42
N ILE A 273 32.85 -36.94 -13.19
CA ILE A 273 32.21 -36.34 -12.03
C ILE A 273 32.81 -36.86 -10.74
N GLU A 274 33.35 -38.08 -10.77
CA GLU A 274 33.94 -38.66 -9.57
C GLU A 274 35.13 -37.84 -9.08
N ASP A 275 35.78 -37.09 -9.97
CA ASP A 275 36.85 -36.21 -9.57
C ASP A 275 36.34 -35.03 -8.75
N TYR A 276 35.06 -34.72 -8.83
CA TYR A 276 34.47 -33.62 -8.06
C TYR A 276 33.31 -34.06 -7.18
N PHE A 277 32.57 -35.09 -7.55
CA PHE A 277 31.54 -35.67 -6.69
C PHE A 277 31.85 -37.14 -6.48
N PRO A 278 32.33 -37.54 -5.30
CA PRO A 278 32.76 -38.93 -5.11
C PRO A 278 31.66 -39.95 -5.22
N GLU A 279 30.39 -39.54 -5.10
CA GLU A 279 29.29 -40.49 -5.05
C GLU A 279 28.82 -40.93 -6.43
N PHE A 280 29.41 -40.41 -7.50
CA PHE A 280 28.92 -40.74 -8.83
C PHE A 280 29.20 -42.19 -9.19
N ALA A 281 30.33 -42.74 -8.75
CA ALA A 281 30.71 -44.09 -9.15
C ALA A 281 29.69 -45.12 -8.71
N ARG A 282 28.98 -44.86 -7.61
CA ARG A 282 27.95 -45.75 -7.11
C ARG A 282 26.54 -45.31 -7.47
N TYR A 283 26.37 -44.61 -8.59
CA TYR A 283 25.06 -44.14 -9.01
C TYR A 283 24.70 -44.77 -10.34
N THR A 284 23.49 -45.33 -10.41
CA THR A 284 22.97 -45.94 -11.62
C THR A 284 21.68 -45.23 -12.02
N THR A 285 21.47 -45.09 -13.32
CA THR A 285 20.31 -44.35 -13.78
C THR A 285 19.03 -45.05 -13.31
N PRO A 286 18.04 -44.30 -12.84
CA PRO A 286 16.83 -44.94 -12.31
C PRO A 286 15.94 -45.44 -13.43
N GLU A 287 15.06 -46.37 -13.06
CA GLU A 287 14.06 -46.92 -13.98
C GLU A 287 12.95 -45.89 -14.21
N ASP A 288 13.34 -44.80 -14.86
CA ASP A 288 12.46 -43.66 -15.08
C ASP A 288 12.68 -43.14 -16.49
N ALA A 289 12.13 -41.97 -16.77
CA ALA A 289 12.04 -41.46 -18.13
C ALA A 289 13.43 -41.10 -18.65
N THR A 290 13.98 -41.96 -19.49
CA THR A 290 15.16 -41.61 -20.26
C THR A 290 14.80 -40.62 -21.35
N PRO A 291 15.76 -39.83 -21.82
CA PRO A 291 15.48 -38.93 -22.96
C PRO A 291 15.10 -39.74 -24.20
N GLU A 292 13.88 -39.54 -24.66
CA GLU A 292 13.37 -40.32 -25.79
C GLU A 292 14.24 -40.25 -27.03
N PRO A 293 14.72 -39.09 -27.47
CA PRO A 293 15.62 -39.08 -28.64
C PRO A 293 16.92 -39.79 -28.33
N GLY A 294 17.73 -39.96 -29.37
CA GLY A 294 19.01 -40.61 -29.23
C GLY A 294 19.95 -39.85 -28.32
N GLU A 295 20.28 -40.45 -27.18
CA GLU A 295 21.19 -39.86 -26.22
C GLU A 295 22.06 -40.96 -25.64
N ASP A 296 23.33 -40.67 -25.45
CA ASP A 296 24.24 -41.68 -24.95
C ASP A 296 23.83 -42.07 -23.54
N PRO A 297 23.67 -43.36 -23.26
CA PRO A 297 23.11 -43.77 -21.96
C PRO A 297 23.91 -43.33 -20.73
N ARG A 298 25.16 -42.90 -20.84
CA ARG A 298 25.77 -42.32 -19.64
C ARG A 298 25.76 -40.81 -19.64
N VAL A 299 25.51 -40.17 -20.78
CA VAL A 299 25.17 -38.75 -20.77
C VAL A 299 23.95 -38.53 -19.88
N THR A 300 22.93 -39.37 -20.05
CA THR A 300 21.74 -39.24 -19.24
C THR A 300 22.00 -39.60 -17.78
N ARG A 301 22.96 -40.51 -17.54
CA ARG A 301 23.31 -40.82 -16.16
C ARG A 301 23.89 -39.59 -15.47
N ALA A 302 24.84 -38.92 -16.11
CA ALA A 302 25.41 -37.72 -15.52
C ALA A 302 24.36 -36.63 -15.35
N LYS A 303 23.50 -36.48 -16.36
CA LYS A 303 22.47 -35.46 -16.31
C LYS A 303 21.52 -35.70 -15.15
N TYR A 304 21.12 -36.95 -14.95
CA TYR A 304 20.20 -37.26 -13.86
C TYR A 304 20.88 -37.15 -12.51
N PHE A 305 22.19 -37.40 -12.44
CA PHE A 305 22.88 -37.19 -11.17
C PHE A 305 22.87 -35.71 -10.80
N ILE A 306 23.18 -34.84 -11.77
CA ILE A 306 23.12 -33.41 -11.50
C ILE A 306 21.71 -33.03 -11.05
N ARG A 307 20.70 -33.57 -11.73
CA ARG A 307 19.32 -33.24 -11.38
C ARG A 307 19.01 -33.67 -9.94
N LYS A 308 19.43 -34.88 -9.57
CA LYS A 308 19.11 -35.38 -8.24
C LYS A 308 19.83 -34.60 -7.16
N GLU A 309 21.02 -34.08 -7.47
CA GLU A 309 21.75 -33.32 -6.46
C GLU A 309 20.97 -32.08 -6.04
N PHE A 310 20.12 -31.57 -6.93
CA PHE A 310 19.28 -30.43 -6.57
C PHE A 310 17.94 -30.88 -6.01
N VAL A 311 17.39 -31.96 -6.56
CA VAL A 311 16.10 -32.45 -6.08
C VAL A 311 16.19 -32.91 -4.63
N ASP A 312 17.33 -33.48 -4.23
CA ASP A 312 17.49 -33.87 -2.83
C ASP A 312 17.43 -32.67 -1.90
N ILE A 313 18.09 -31.58 -2.27
CA ILE A 313 18.02 -30.38 -1.45
C ILE A 313 16.61 -29.83 -1.44
N SER A 314 15.90 -29.93 -2.56
CA SER A 314 14.53 -29.44 -2.60
C SER A 314 13.62 -30.23 -1.67
N THR A 315 13.78 -31.55 -1.66
CA THR A 315 12.90 -32.42 -0.87
C THR A 315 13.38 -32.62 0.56
N ALA A 316 14.54 -32.09 0.93
CA ALA A 316 14.99 -32.20 2.30
C ALA A 316 14.08 -31.42 3.26
N SER A 317 13.65 -30.22 2.85
CA SER A 317 12.79 -29.39 3.69
C SER A 317 11.70 -28.79 2.81
N GLY A 318 10.57 -29.48 2.73
CA GLY A 318 9.48 -29.06 1.87
C GLY A 318 8.28 -28.54 2.62
N ASP A 319 7.54 -27.63 1.99
CA ASP A 319 6.42 -26.96 2.64
C ASP A 319 5.40 -26.58 1.57
N GLY A 320 4.50 -25.67 1.92
CA GLY A 320 3.56 -25.17 0.95
C GLY A 320 4.21 -24.24 -0.05
N ARG A 321 3.67 -24.25 -1.27
CA ARG A 321 4.12 -23.39 -2.37
C ARG A 321 5.60 -23.57 -2.67
N HIS A 322 6.21 -24.61 -2.13
CA HIS A 322 7.66 -24.68 -2.13
C HIS A 322 8.00 -26.00 -2.79
N ILE A 323 8.03 -25.98 -4.11
CA ILE A 323 8.32 -27.16 -4.92
C ILE A 323 9.27 -26.76 -6.04
N CYS A 324 10.29 -27.57 -6.26
CA CYS A 324 11.30 -27.27 -7.26
C CYS A 324 10.99 -28.02 -8.54
N TYR A 325 10.94 -27.30 -9.65
CA TYR A 325 10.66 -27.89 -10.95
C TYR A 325 11.96 -27.96 -11.73
N PRO A 326 12.57 -29.13 -11.88
CA PRO A 326 13.83 -29.19 -12.61
C PRO A 326 13.65 -29.40 -14.10
N HIS A 327 14.44 -28.70 -14.91
CA HIS A 327 14.35 -28.76 -16.35
C HIS A 327 15.74 -28.75 -16.95
N PHE A 328 15.88 -29.37 -18.11
CA PHE A 328 17.13 -29.43 -18.84
C PHE A 328 17.02 -28.50 -20.03
N THR A 329 17.98 -27.59 -20.19
CA THR A 329 17.88 -26.55 -21.20
C THR A 329 19.24 -26.28 -21.82
N CYS A 330 19.22 -25.57 -22.95
CA CYS A 330 20.42 -25.15 -23.65
C CYS A 330 20.18 -23.75 -24.19
N SER A 331 21.20 -23.19 -24.84
CA SER A 331 21.06 -21.86 -25.41
C SER A 331 20.16 -21.88 -26.64
N VAL A 332 20.34 -22.87 -27.52
CA VAL A 332 19.54 -22.97 -28.73
C VAL A 332 18.10 -23.37 -28.45
N ASP A 333 17.79 -23.82 -27.24
CA ASP A 333 16.42 -24.21 -26.91
C ASP A 333 15.52 -22.99 -26.91
N THR A 334 14.42 -23.07 -27.64
CA THR A 334 13.46 -21.98 -27.74
C THR A 334 12.16 -22.26 -27.00
N GLU A 335 12.10 -23.35 -26.23
CA GLU A 335 10.91 -23.74 -25.51
C GLU A 335 10.98 -23.40 -24.03
N ASN A 336 11.95 -22.59 -23.61
CA ASN A 336 12.11 -22.30 -22.19
C ASN A 336 10.92 -21.51 -21.65
N ALA A 337 10.39 -20.58 -22.44
CA ALA A 337 9.24 -19.81 -21.99
C ALA A 337 8.04 -20.71 -21.75
N ARG A 338 7.85 -21.71 -22.59
CA ARG A 338 6.77 -22.66 -22.39
C ARG A 338 6.95 -23.43 -21.09
N ARG A 339 8.18 -23.84 -20.80
CA ARG A 339 8.44 -24.54 -19.55
C ARG A 339 8.14 -23.65 -18.36
N ILE A 340 8.54 -22.38 -18.44
CA ILE A 340 8.24 -21.45 -17.36
C ILE A 340 6.75 -21.29 -17.19
N PHE A 341 6.01 -21.20 -18.30
CA PHE A 341 4.57 -21.05 -18.19
C PHE A 341 3.92 -22.27 -17.55
N ASN A 342 4.34 -23.46 -17.94
CA ASN A 342 3.76 -24.66 -17.36
C ASN A 342 4.05 -24.75 -15.87
N ASP A 343 5.29 -24.48 -15.47
CA ASP A 343 5.64 -24.56 -14.05
C ASP A 343 4.91 -23.49 -13.25
N CYS A 344 4.80 -22.27 -13.80
CA CYS A 344 4.07 -21.23 -13.08
C CYS A 344 2.59 -21.55 -12.98
N LYS A 345 2.03 -22.19 -14.01
CA LYS A 345 0.65 -22.64 -13.93
C LYS A 345 0.49 -23.66 -12.82
N ASP A 346 1.46 -24.57 -12.67
CA ASP A 346 1.37 -25.53 -11.58
C ASP A 346 1.51 -24.84 -10.22
N ILE A 347 2.36 -23.82 -10.13
CA ILE A 347 2.51 -23.07 -8.88
C ILE A 347 1.20 -22.39 -8.51
N ILE A 348 0.56 -21.77 -9.50
CA ILE A 348 -0.73 -21.13 -9.28
C ILE A 348 -1.77 -22.16 -8.85
N LEU A 349 -1.73 -23.35 -9.47
CA LEU A 349 -2.67 -24.39 -9.09
C LEU A 349 -2.48 -24.82 -7.65
N GLN A 350 -1.22 -24.93 -7.22
CA GLN A 350 -0.96 -25.30 -5.84
C GLN A 350 -1.45 -24.21 -4.89
N MET A 351 -1.20 -22.95 -5.22
CA MET A 351 -1.70 -21.89 -4.34
C MET A 351 -3.22 -21.88 -4.31
N ASN A 352 -3.87 -22.22 -5.42
CA ASN A 352 -5.32 -22.34 -5.40
C ASN A 352 -5.76 -23.49 -4.51
N LEU A 353 -5.07 -24.63 -4.61
CA LEU A 353 -5.44 -25.79 -3.82
C LEU A 353 -5.19 -25.58 -2.34
N ARG A 354 -4.36 -24.60 -1.99
CA ARG A 354 -3.93 -24.39 -0.62
C ARG A 354 -4.63 -23.21 0.05
N GLU A 355 -4.60 -22.08 -0.61
CA GLU A 355 -5.25 -20.89 -0.08
C GLU A 355 -6.67 -21.17 0.00
N TYR A 356 -7.23 -21.71 -1.07
CA TYR A 356 -8.62 -22.13 -1.04
C TYR A 356 -8.36 -23.49 -0.48
N ASN A 357 -9.12 -23.91 0.51
CA ASN A 357 -8.78 -25.13 1.24
C ASN A 357 -9.33 -26.32 0.49
N LEU A 358 -8.56 -26.83 -0.47
CA LEU A 358 -8.93 -28.00 -1.24
C LEU A 358 -7.96 -29.14 -1.04
N VAL A 359 -6.97 -28.98 -0.16
CA VAL A 359 -6.00 -30.03 0.10
C VAL A 359 -5.77 -30.15 1.60
N GLU B 7 54.19 -6.16 5.81
CA GLU B 7 53.98 -5.35 7.00
C GLU B 7 52.54 -5.47 7.48
N LEU B 8 51.72 -6.21 6.72
CA LEU B 8 50.31 -6.35 7.08
C LEU B 8 50.16 -6.89 8.49
N ASP B 9 51.09 -7.74 8.92
CA ASP B 9 51.08 -8.19 10.31
C ASP B 9 51.29 -7.02 11.27
N GLN B 10 52.22 -6.12 10.94
CA GLN B 10 52.48 -4.98 11.82
C GLN B 10 51.28 -4.05 11.88
N LEU B 11 50.67 -3.76 10.74
CA LEU B 11 49.48 -2.90 10.73
C LEU B 11 48.34 -3.56 11.49
N ARG B 12 48.16 -4.86 11.31
CA ARG B 12 47.10 -5.56 12.04
C ARG B 12 47.34 -5.53 13.55
N GLN B 13 48.60 -5.69 13.96
CA GLN B 13 48.92 -5.62 15.39
C GLN B 13 48.65 -4.24 15.95
N GLU B 14 49.04 -3.19 15.21
CA GLU B 14 48.75 -1.83 15.67
C GLU B 14 47.25 -1.60 15.75
N ALA B 15 46.50 -2.11 14.78
CA ALA B 15 45.05 -1.97 14.81
C ALA B 15 44.44 -2.70 16.00
N GLU B 16 44.94 -3.89 16.30
CA GLU B 16 44.44 -4.62 17.47
C GLU B 16 44.74 -3.86 18.75
N GLN B 17 45.94 -3.31 18.88
CA GLN B 17 46.27 -2.53 20.06
C GLN B 17 45.39 -1.29 20.17
N LEU B 18 45.11 -0.63 19.06
CA LEU B 18 44.27 0.55 19.09
C LEU B 18 42.83 0.19 19.44
N LYS B 19 42.32 -0.93 18.93
CA LYS B 19 40.98 -1.35 19.29
C LYS B 19 40.91 -1.69 20.77
N ASN B 20 41.95 -2.30 21.31
CA ASN B 20 41.98 -2.57 22.74
C ASN B 20 42.04 -1.28 23.55
N GLN B 21 42.77 -0.28 23.07
CA GLN B 21 42.79 1.00 23.76
C GLN B 21 41.41 1.64 23.75
N ILE B 22 40.71 1.56 22.62
CA ILE B 22 39.35 2.11 22.55
C ILE B 22 38.45 1.39 23.52
N ARG B 23 38.54 0.06 23.59
CA ARG B 23 37.71 -0.70 24.51
C ARG B 23 38.03 -0.34 25.95
N ASP B 24 39.30 -0.22 26.29
CA ASP B 24 39.69 0.10 27.67
C ASP B 24 39.22 1.49 28.06
N ALA B 25 39.36 2.47 27.16
CA ALA B 25 38.88 3.81 27.47
C ALA B 25 37.37 3.85 27.61
N ARG B 26 36.65 3.12 26.75
CA ARG B 26 35.21 3.08 26.85
C ARG B 26 34.75 2.39 28.12
N LYS B 27 35.51 1.41 28.60
CA LYS B 27 35.18 0.78 29.88
C LYS B 27 35.55 1.67 31.05
N ALA B 28 36.55 2.52 30.89
CA ALA B 28 36.98 3.39 31.97
C ALA B 28 35.95 4.45 32.30
N CYS B 29 35.01 4.72 31.40
CA CYS B 29 33.97 5.72 31.64
C CYS B 29 32.62 5.10 31.98
N ALA B 30 32.56 3.78 32.14
CA ALA B 30 31.30 3.11 32.48
C ALA B 30 31.21 2.86 33.98
N ASP B 31 31.18 3.94 34.75
CA ASP B 31 31.11 3.81 36.19
C ASP B 31 29.74 3.35 36.66
N ALA B 32 28.68 3.80 35.99
CA ALA B 32 27.33 3.40 36.31
C ALA B 32 26.59 3.05 35.04
N THR B 33 25.57 2.21 35.18
CA THR B 33 24.75 1.81 34.05
C THR B 33 23.44 2.59 34.05
N LEU B 34 22.89 2.80 32.85
CA LEU B 34 21.67 3.60 32.71
C LEU B 34 20.55 3.08 33.60
N SER B 35 20.46 1.76 33.78
CA SER B 35 19.41 1.20 34.61
C SER B 35 19.56 1.62 36.07
N GLN B 36 20.80 1.72 36.55
CA GLN B 36 21.02 2.14 37.94
C GLN B 36 20.50 3.54 38.18
N ILE B 37 20.82 4.48 37.29
CA ILE B 37 20.31 5.85 37.46
C ILE B 37 18.81 5.91 37.29
N THR B 38 18.27 5.20 36.29
CA THR B 38 16.85 5.25 36.02
C THR B 38 16.02 4.48 37.04
N ASN B 39 16.65 3.71 37.94
CA ASN B 39 15.90 2.81 38.80
C ASN B 39 14.86 3.51 39.66
N ASN B 40 15.00 4.81 39.87
CA ASN B 40 14.12 5.50 40.81
C ASN B 40 12.91 6.16 40.16
N ILE B 41 13.00 6.54 38.88
CA ILE B 41 11.88 7.25 38.28
C ILE B 41 10.74 6.28 38.00
N ASP B 42 9.51 6.78 38.13
CA ASP B 42 8.35 5.93 38.03
C ASP B 42 8.17 5.42 36.60
N PRO B 43 7.69 4.19 36.44
CA PRO B 43 7.48 3.65 35.10
C PRO B 43 6.35 4.36 34.39
N VAL B 44 6.38 4.25 33.06
CA VAL B 44 5.39 4.92 32.24
C VAL B 44 4.00 4.34 32.48
N GLY B 45 3.92 3.03 32.69
CA GLY B 45 2.65 2.36 32.78
C GLY B 45 2.16 1.91 31.42
N ARG B 46 1.03 1.21 31.44
CA ARG B 46 0.51 0.61 30.22
C ARG B 46 0.20 1.68 29.19
N ILE B 47 0.94 1.68 28.10
CA ILE B 47 0.71 2.60 26.99
C ILE B 47 -0.12 1.83 25.97
N GLN B 48 -1.42 2.10 25.98
CA GLN B 48 -2.36 1.43 25.09
C GLN B 48 -2.73 2.43 24.00
N MET B 49 -2.24 2.18 22.80
CA MET B 49 -2.52 3.03 21.65
C MET B 49 -3.41 2.28 20.68
N ARG B 50 -4.44 2.96 20.18
CA ARG B 50 -5.43 2.36 19.32
C ARG B 50 -5.26 2.85 17.89
N THR B 51 -5.60 2.00 16.93
CA THR B 51 -5.49 2.33 15.52
C THR B 51 -6.56 3.35 15.19
N ARG B 52 -6.17 4.62 15.06
CA ARG B 52 -7.13 5.65 14.73
C ARG B 52 -7.49 5.63 13.25
N ARG B 53 -6.49 5.83 12.38
CA ARG B 53 -6.70 5.82 10.95
C ARG B 53 -5.94 4.66 10.33
N THR B 54 -6.57 3.98 9.40
CA THR B 54 -5.95 2.94 8.60
C THR B 54 -6.02 3.33 7.13
N LEU B 55 -4.90 3.21 6.43
CA LEU B 55 -4.78 3.63 5.04
C LEU B 55 -4.75 2.39 4.16
N ARG B 56 -5.64 2.34 3.18
CA ARG B 56 -5.95 1.13 2.42
C ARG B 56 -5.83 1.36 0.93
N GLY B 57 -4.71 1.90 0.48
CA GLY B 57 -4.56 2.17 -0.93
C GLY B 57 -3.62 1.27 -1.69
N HIS B 58 -2.54 0.83 -1.07
CA HIS B 58 -1.48 0.16 -1.79
C HIS B 58 -1.93 -1.21 -2.28
N LEU B 59 -1.12 -1.81 -3.15
CA LEU B 59 -1.41 -3.10 -3.75
C LEU B 59 -0.47 -4.20 -3.28
N ALA B 60 0.70 -3.85 -2.77
CA ALA B 60 1.69 -4.83 -2.36
C ALA B 60 2.30 -4.36 -1.04
N LYS B 61 3.41 -4.99 -0.67
CA LYS B 61 4.04 -4.70 0.61
C LYS B 61 4.57 -3.27 0.65
N ILE B 62 4.39 -2.62 1.80
CA ILE B 62 4.92 -1.29 2.04
C ILE B 62 6.31 -1.46 2.64
N TYR B 63 7.30 -0.84 2.01
CA TYR B 63 8.66 -0.97 2.51
C TYR B 63 9.16 0.23 3.29
N ALA B 64 8.49 1.37 3.18
CA ALA B 64 8.97 2.54 3.90
C ALA B 64 7.86 3.56 4.02
N MET B 65 7.95 4.37 5.06
CA MET B 65 7.18 5.59 5.15
C MET B 65 8.08 6.69 5.70
N HIS B 66 7.63 7.92 5.54
CA HIS B 66 8.26 9.05 6.20
C HIS B 66 7.23 10.14 6.36
N TRP B 67 7.16 10.69 7.57
CA TRP B 67 6.24 11.78 7.86
C TRP B 67 6.73 13.08 7.24
N GLY B 68 5.82 14.01 7.09
CA GLY B 68 6.21 15.36 6.77
C GLY B 68 6.42 16.18 8.02
N THR B 69 7.04 17.33 7.86
CA THR B 69 7.31 18.17 9.01
C THR B 69 6.05 18.86 9.54
N ASP B 70 4.93 18.76 8.83
CA ASP B 70 3.67 19.30 9.30
C ASP B 70 2.86 18.29 10.09
N SER B 71 3.37 17.07 10.25
CA SER B 71 2.71 16.01 10.99
C SER B 71 1.33 15.69 10.45
N ARG B 72 1.10 16.00 9.18
CA ARG B 72 -0.16 15.75 8.52
C ARG B 72 -0.01 14.86 7.29
N LEU B 73 0.94 15.16 6.43
CA LEU B 73 1.18 14.40 5.22
C LEU B 73 2.20 13.31 5.46
N LEU B 74 2.08 12.21 4.73
CA LEU B 74 3.08 11.15 4.84
C LEU B 74 3.19 10.41 3.52
N VAL B 75 4.41 10.04 3.17
CA VAL B 75 4.67 9.32 1.93
C VAL B 75 4.94 7.86 2.27
N SER B 76 4.33 6.96 1.50
CA SER B 76 4.53 5.54 1.67
C SER B 76 4.93 4.93 0.34
N ALA B 77 5.92 4.05 0.38
CA ALA B 77 6.45 3.40 -0.80
C ALA B 77 6.07 1.93 -0.78
N SER B 78 5.51 1.44 -1.88
CA SER B 78 5.11 0.05 -1.96
C SER B 78 5.79 -0.63 -3.14
N GLN B 79 5.91 -1.94 -3.03
CA GLN B 79 6.55 -2.73 -4.08
C GLN B 79 5.72 -2.79 -5.35
N ASP B 80 4.49 -2.30 -5.32
CA ASP B 80 3.67 -2.18 -6.52
C ASP B 80 4.13 -1.07 -7.44
N GLY B 81 5.25 -0.42 -7.12
CA GLY B 81 5.71 0.69 -7.91
C GLY B 81 5.02 2.00 -7.62
N LYS B 82 4.39 2.14 -6.45
CA LYS B 82 3.66 3.34 -6.12
C LYS B 82 4.29 4.03 -4.92
N LEU B 83 4.16 5.35 -4.92
CA LEU B 83 4.61 6.22 -3.84
C LEU B 83 3.43 7.11 -3.54
N ILE B 84 2.64 6.76 -2.52
CA ILE B 84 1.40 7.45 -2.22
C ILE B 84 1.65 8.47 -1.12
N ILE B 85 1.30 9.72 -1.39
CA ILE B 85 1.32 10.78 -0.39
C ILE B 85 -0.08 10.90 0.15
N TRP B 86 -0.23 10.52 1.41
CA TRP B 86 -1.48 10.42 2.15
C TRP B 86 -1.65 11.64 3.04
N ASP B 87 -2.91 12.02 3.23
CA ASP B 87 -3.31 12.96 4.27
C ASP B 87 -3.77 12.14 5.47
N SER B 88 -3.03 12.26 6.58
CA SER B 88 -3.32 11.41 7.74
C SER B 88 -4.68 11.72 8.34
N TYR B 89 -5.01 13.00 8.47
CA TYR B 89 -6.20 13.38 9.21
C TYR B 89 -7.46 12.87 8.55
N THR B 90 -7.53 12.96 7.22
CA THR B 90 -8.74 12.66 6.48
C THR B 90 -8.67 11.39 5.67
N THR B 91 -7.55 10.67 5.71
CA THR B 91 -7.28 9.45 4.96
C THR B 91 -7.20 9.75 3.47
N ASN B 92 -7.41 11.00 3.06
CA ASN B 92 -7.37 11.36 1.65
C ASN B 92 -6.01 11.08 1.06
N LYS B 93 -6.00 10.62 -0.19
CA LYS B 93 -4.78 10.48 -0.96
C LYS B 93 -4.50 11.78 -1.69
N VAL B 94 -3.37 12.39 -1.38
CA VAL B 94 -3.00 13.64 -2.04
C VAL B 94 -2.29 13.38 -3.35
N HIS B 95 -1.39 12.40 -3.38
CA HIS B 95 -0.70 12.06 -4.62
C HIS B 95 -0.49 10.56 -4.71
N ALA B 96 -0.38 10.06 -5.93
CA ALA B 96 -0.02 8.66 -6.19
C ALA B 96 1.02 8.65 -7.31
N ILE B 97 2.29 8.73 -6.94
CA ILE B 97 3.37 8.78 -7.92
C ILE B 97 3.65 7.36 -8.42
N PRO B 98 3.61 7.12 -9.73
CA PRO B 98 4.06 5.83 -10.24
C PRO B 98 5.56 5.81 -10.47
N LEU B 99 6.24 4.87 -9.82
CA LEU B 99 7.69 4.81 -9.89
C LEU B 99 8.15 4.12 -11.16
N ARG B 100 9.34 4.50 -11.63
CA ARG B 100 9.90 3.87 -12.81
C ARG B 100 10.42 2.48 -12.51
N SER B 101 10.76 2.20 -11.25
CA SER B 101 11.15 0.88 -10.80
C SER B 101 10.27 0.46 -9.65
N SER B 102 9.75 -0.76 -9.71
CA SER B 102 8.79 -1.22 -8.72
C SER B 102 9.43 -1.66 -7.41
N TRP B 103 10.74 -1.84 -7.38
CA TRP B 103 11.43 -2.34 -6.20
C TRP B 103 11.98 -1.15 -5.43
N VAL B 104 11.22 -0.69 -4.44
CA VAL B 104 11.57 0.47 -3.65
C VAL B 104 11.73 0.04 -2.21
N MET B 105 12.84 0.41 -1.59
CA MET B 105 13.11 0.13 -0.21
C MET B 105 13.07 1.36 0.69
N THR B 106 13.09 2.56 0.12
CA THR B 106 13.15 3.77 0.94
C THR B 106 12.30 4.86 0.33
N CYS B 107 11.76 5.70 1.21
CA CYS B 107 11.04 6.91 0.82
C CYS B 107 11.38 8.00 1.82
N ALA B 108 11.52 9.22 1.31
CA ALA B 108 11.87 10.37 2.12
C ALA B 108 10.98 11.54 1.74
N TYR B 109 10.55 12.29 2.74
CA TYR B 109 9.75 13.48 2.54
C TYR B 109 10.62 14.66 2.94
N ALA B 110 10.80 15.61 2.02
CA ALA B 110 11.68 16.72 2.30
C ALA B 110 11.10 17.57 3.43
N PRO B 111 11.95 18.22 4.22
CA PRO B 111 11.43 19.05 5.31
C PRO B 111 10.53 20.17 4.82
N SER B 112 10.77 20.70 3.63
CA SER B 112 9.96 21.79 3.11
C SER B 112 8.63 21.33 2.54
N GLY B 113 8.47 20.04 2.27
CA GLY B 113 7.27 19.55 1.67
C GLY B 113 7.21 19.65 0.17
N ASN B 114 8.27 20.14 -0.48
CA ASN B 114 8.27 20.30 -1.92
C ASN B 114 8.66 19.02 -2.66
N TYR B 115 9.66 18.30 -2.17
CA TYR B 115 10.17 17.13 -2.86
C TYR B 115 9.96 15.88 -2.03
N VAL B 116 9.93 14.75 -2.72
CA VAL B 116 9.83 13.44 -2.08
C VAL B 116 10.78 12.48 -2.79
N ALA B 117 11.51 11.68 -2.03
CA ALA B 117 12.55 10.83 -2.58
C ALA B 117 12.18 9.36 -2.45
N CYS B 118 12.54 8.58 -3.46
CA CYS B 118 12.33 7.15 -3.47
C CYS B 118 13.61 6.49 -3.94
N GLY B 119 13.77 5.22 -3.61
CA GLY B 119 14.92 4.47 -4.07
C GLY B 119 14.80 3.03 -3.69
N GLY B 120 15.54 2.18 -4.40
CA GLY B 120 15.46 0.76 -4.15
C GLY B 120 16.49 -0.06 -4.89
N LEU B 121 16.06 -1.18 -5.49
CA LEU B 121 17.00 -2.05 -6.17
C LEU B 121 17.60 -1.41 -7.40
N ASP B 122 17.01 -0.33 -7.90
CA ASP B 122 17.49 0.31 -9.11
C ASP B 122 18.78 1.07 -8.92
N ASN B 123 19.25 1.20 -7.68
CA ASN B 123 20.44 1.95 -7.30
C ASN B 123 20.30 3.44 -7.56
N ILE B 124 19.13 3.90 -7.96
CA ILE B 124 18.88 5.31 -8.25
C ILE B 124 18.08 5.90 -7.10
N CYS B 125 18.44 7.11 -6.69
CA CYS B 125 17.62 7.91 -5.80
C CYS B 125 16.82 8.87 -6.66
N SER B 126 15.53 8.64 -6.76
CA SER B 126 14.64 9.44 -7.59
C SER B 126 13.99 10.51 -6.73
N ILE B 127 14.24 11.77 -7.06
CA ILE B 127 13.70 12.90 -6.32
C ILE B 127 12.61 13.53 -7.18
N TYR B 128 11.39 13.52 -6.65
CA TYR B 128 10.18 13.97 -7.32
C TYR B 128 9.75 15.32 -6.78
N ASN B 129 9.28 16.18 -7.68
CA ASN B 129 8.82 17.53 -7.36
C ASN B 129 7.31 17.52 -7.23
N LEU B 130 6.80 18.10 -6.14
CA LEU B 130 5.37 18.12 -5.88
C LEU B 130 4.71 19.47 -6.08
N LYS B 131 5.48 20.55 -6.12
CA LYS B 131 4.95 21.90 -6.26
C LYS B 131 5.14 22.46 -7.66
N THR B 132 4.97 21.64 -8.69
CA THR B 132 5.17 22.10 -10.05
C THR B 132 3.95 22.85 -10.56
N ARG B 133 4.19 23.82 -11.43
CA ARG B 133 3.10 24.52 -12.10
C ARG B 133 2.33 23.63 -13.06
N GLU B 134 2.94 22.54 -13.52
CA GLU B 134 2.26 21.62 -14.42
C GLU B 134 1.13 20.87 -13.73
N GLY B 135 1.21 20.73 -12.41
CA GLY B 135 0.16 20.11 -11.64
C GLY B 135 0.32 18.63 -11.39
N ASN B 136 1.33 17.99 -11.98
CA ASN B 136 1.59 16.58 -11.78
C ASN B 136 3.00 16.40 -11.23
N VAL B 137 3.17 15.39 -10.39
CA VAL B 137 4.47 15.08 -9.83
C VAL B 137 5.40 14.61 -10.93
N ARG B 138 6.60 15.18 -10.98
CA ARG B 138 7.59 14.84 -11.99
C ARG B 138 8.89 14.47 -11.31
N VAL B 139 9.65 13.59 -11.95
CA VAL B 139 10.95 13.21 -11.44
C VAL B 139 11.90 14.38 -11.65
N SER B 140 12.18 15.12 -10.59
CA SER B 140 13.08 16.26 -10.71
C SER B 140 14.49 15.80 -11.01
N ARG B 141 14.96 14.75 -10.34
CA ARG B 141 16.33 14.31 -10.56
C ARG B 141 16.43 12.82 -10.28
N GLU B 142 17.45 12.20 -10.88
CA GLU B 142 17.74 10.79 -10.66
C GLU B 142 19.22 10.67 -10.32
N LEU B 143 19.52 10.55 -9.04
CA LEU B 143 20.90 10.41 -8.59
C LEU B 143 21.35 8.97 -8.80
N ALA B 144 22.41 8.79 -9.57
CA ALA B 144 22.73 7.52 -10.20
C ALA B 144 24.21 7.17 -10.05
N GLY B 145 24.72 7.22 -8.83
CA GLY B 145 26.12 6.93 -8.63
C GLY B 145 26.43 5.71 -7.78
N HIS B 146 25.42 5.08 -7.21
CA HIS B 146 25.63 3.97 -6.31
C HIS B 146 25.85 2.67 -7.08
N THR B 147 26.54 1.73 -6.44
CA THR B 147 26.77 0.41 -6.99
C THR B 147 26.06 -0.67 -6.19
N GLY B 148 24.91 -0.32 -5.63
CA GLY B 148 24.15 -1.26 -4.84
C GLY B 148 22.82 -0.64 -4.48
N TYR B 149 21.94 -1.49 -3.96
CA TYR B 149 20.58 -1.07 -3.68
C TYR B 149 20.55 0.04 -2.64
N LEU B 150 19.63 0.98 -2.82
CA LEU B 150 19.40 2.01 -1.82
C LEU B 150 18.57 1.46 -0.67
N SER B 151 19.00 1.73 0.55
CA SER B 151 18.28 1.30 1.73
C SER B 151 17.63 2.43 2.49
N CYS B 152 18.18 3.63 2.41
CA CYS B 152 17.61 4.76 3.11
C CYS B 152 18.05 6.05 2.42
N CYS B 153 17.10 6.96 2.26
CA CYS B 153 17.38 8.31 1.81
C CYS B 153 16.75 9.28 2.79
N ARG B 154 17.49 10.32 3.14
CA ARG B 154 16.98 11.36 4.02
C ARG B 154 17.40 12.70 3.46
N PHE B 155 16.53 13.69 3.58
CA PHE B 155 16.79 15.02 3.08
C PHE B 155 17.48 15.87 4.14
N LEU B 156 18.48 16.62 3.72
CA LEU B 156 19.04 17.67 4.57
C LEU B 156 18.31 18.99 4.35
N ASP B 157 18.14 19.37 3.10
CA ASP B 157 17.33 20.51 2.70
C ASP B 157 16.79 20.20 1.30
N ASP B 158 16.30 21.22 0.61
CA ASP B 158 15.74 21.00 -0.72
C ASP B 158 16.80 20.65 -1.75
N ASN B 159 18.08 20.89 -1.46
CA ASN B 159 19.13 20.72 -2.45
C ASN B 159 20.12 19.60 -2.11
N GLN B 160 20.15 19.12 -0.88
CA GLN B 160 21.06 18.08 -0.48
C GLN B 160 20.31 16.87 0.05
N ILE B 161 20.77 15.68 -0.33
CA ILE B 161 20.22 14.43 0.18
C ILE B 161 21.36 13.57 0.68
N VAL B 162 21.03 12.66 1.61
CA VAL B 162 21.98 11.68 2.10
C VAL B 162 21.36 10.29 1.92
N THR B 163 22.11 9.40 1.29
CA THR B 163 21.59 8.10 0.88
C THR B 163 22.52 6.99 1.33
N SER B 164 21.96 5.98 1.97
CA SER B 164 22.69 4.77 2.33
C SER B 164 22.39 3.69 1.33
N SER B 165 23.43 2.95 0.93
CA SER B 165 23.29 1.97 -0.12
C SER B 165 23.92 0.65 0.30
N GLY B 166 23.59 -0.39 -0.45
CA GLY B 166 24.11 -1.71 -0.20
C GLY B 166 25.56 -1.90 -0.60
N ASP B 167 26.14 -0.91 -1.26
CA ASP B 167 27.54 -0.96 -1.67
C ASP B 167 28.49 -0.67 -0.54
N THR B 168 28.01 -0.73 0.69
CA THR B 168 28.75 -0.43 1.92
C THR B 168 29.12 1.05 2.02
N THR B 169 28.50 1.92 1.24
CA THR B 169 28.85 3.32 1.24
C THR B 169 27.59 4.19 1.37
N CYS B 170 27.75 5.32 2.05
CA CYS B 170 26.74 6.36 2.06
C CYS B 170 27.21 7.53 1.21
N ALA B 171 26.27 8.37 0.81
CA ALA B 171 26.60 9.47 -0.09
C ALA B 171 25.80 10.70 0.31
N LEU B 172 26.39 11.85 0.06
CA LEU B 172 25.76 13.16 0.22
C LEU B 172 25.76 13.80 -1.15
N TRP B 173 24.56 13.98 -1.71
CA TRP B 173 24.34 14.46 -3.06
C TRP B 173 23.83 15.89 -3.06
N ASP B 174 24.37 16.70 -3.96
CA ASP B 174 23.78 17.98 -4.33
C ASP B 174 22.83 17.74 -5.48
N ILE B 175 21.54 17.98 -5.26
CA ILE B 175 20.51 17.55 -6.19
C ILE B 175 20.65 18.25 -7.53
N GLU B 176 20.86 19.56 -7.52
CA GLU B 176 20.91 20.31 -8.78
C GLU B 176 22.07 19.84 -9.66
N THR B 177 23.25 19.67 -9.07
CA THR B 177 24.38 19.17 -9.84
C THR B 177 24.25 17.70 -10.16
N GLY B 178 23.49 16.95 -9.38
CA GLY B 178 23.33 15.54 -9.61
C GLY B 178 24.51 14.69 -9.20
N GLN B 179 25.47 15.26 -8.47
CA GLN B 179 26.70 14.57 -8.15
C GLN B 179 26.79 14.26 -6.66
N GLN B 180 27.60 13.27 -6.34
CA GLN B 180 27.94 12.97 -4.95
C GLN B 180 28.93 14.02 -4.46
N THR B 181 28.44 14.94 -3.63
CA THR B 181 29.35 15.88 -3.00
C THR B 181 30.33 15.16 -2.10
N THR B 182 29.85 14.20 -1.31
CA THR B 182 30.73 13.48 -0.40
C THR B 182 30.34 12.01 -0.35
N THR B 183 31.32 11.14 -0.13
CA THR B 183 31.08 9.72 0.04
C THR B 183 31.64 9.27 1.37
N PHE B 184 30.87 8.46 2.09
CA PHE B 184 31.23 7.92 3.39
C PHE B 184 31.49 6.43 3.23
N THR B 185 32.71 6.01 3.54
CA THR B 185 33.25 4.74 3.05
C THR B 185 33.93 3.97 4.17
N GLY B 186 33.25 3.78 5.29
CA GLY B 186 33.84 3.03 6.38
C GLY B 186 33.29 1.63 6.56
N HIS B 187 32.02 1.44 6.24
CA HIS B 187 31.34 0.19 6.56
C HIS B 187 31.89 -0.96 5.74
N THR B 188 31.77 -2.17 6.29
CA THR B 188 32.20 -3.39 5.63
C THR B 188 31.04 -4.25 5.18
N GLY B 189 29.82 -3.73 5.23
CA GLY B 189 28.65 -4.48 4.83
C GLY B 189 27.58 -3.53 4.33
N ASP B 190 26.46 -4.10 3.93
CA ASP B 190 25.38 -3.29 3.40
C ASP B 190 24.83 -2.37 4.47
N VAL B 191 24.77 -1.08 4.17
CA VAL B 191 24.21 -0.09 5.10
C VAL B 191 22.72 -0.05 4.89
N MET B 192 21.96 -0.38 5.93
CA MET B 192 20.53 -0.61 5.79
C MET B 192 19.67 0.52 6.29
N SER B 193 20.17 1.39 7.16
CA SER B 193 19.36 2.45 7.73
C SER B 193 20.22 3.69 7.91
N LEU B 194 19.56 4.77 8.32
CA LEU B 194 20.17 6.09 8.36
C LEU B 194 19.30 7.05 9.14
N SER B 195 19.87 7.75 10.11
CA SER B 195 19.14 8.72 10.91
C SER B 195 19.94 10.01 10.97
N LEU B 196 19.26 11.12 10.70
CA LEU B 196 19.89 12.42 10.64
C LEU B 196 19.72 13.14 11.96
N ALA B 197 20.81 13.71 12.47
CA ALA B 197 20.74 14.44 13.72
C ALA B 197 19.88 15.68 13.55
N PRO B 198 19.21 16.11 14.62
CA PRO B 198 18.33 17.28 14.51
C PRO B 198 19.03 18.54 14.02
N ASP B 199 20.30 18.74 14.38
CA ASP B 199 21.04 19.88 13.86
C ASP B 199 21.53 19.67 12.43
N THR B 200 21.35 18.47 11.88
CA THR B 200 21.70 18.14 10.50
C THR B 200 23.16 18.40 10.20
N ARG B 201 24.03 18.20 11.18
CA ARG B 201 25.46 18.23 10.96
C ARG B 201 26.11 16.87 11.11
N LEU B 202 25.38 15.88 11.62
CA LEU B 202 25.90 14.53 11.82
C LEU B 202 24.80 13.55 11.46
N PHE B 203 25.20 12.33 11.13
CA PHE B 203 24.19 11.29 10.95
C PHE B 203 24.77 9.92 11.24
N VAL B 204 23.96 9.05 11.84
CA VAL B 204 24.37 7.70 12.18
C VAL B 204 23.80 6.73 11.15
N SER B 205 24.63 5.81 10.70
CA SER B 205 24.24 4.79 9.73
C SER B 205 24.47 3.43 10.35
N GLY B 206 23.47 2.57 10.28
CA GLY B 206 23.59 1.20 10.71
C GLY B 206 23.69 0.27 9.52
N ALA B 207 24.63 -0.68 9.59
CA ALA B 207 24.89 -1.55 8.47
C ALA B 207 24.81 -3.00 8.91
N CYS B 208 25.13 -3.90 7.99
CA CYS B 208 25.07 -5.33 8.24
C CYS B 208 26.33 -5.87 8.89
N ASP B 209 27.30 -5.02 9.17
CA ASP B 209 28.48 -5.44 9.92
C ASP B 209 28.26 -5.42 11.42
N ALA B 210 27.00 -5.36 11.87
CA ALA B 210 26.67 -5.27 13.29
C ALA B 210 27.35 -4.07 13.93
N SER B 211 27.34 -2.93 13.25
CA SER B 211 28.00 -1.74 13.76
C SER B 211 27.35 -0.50 13.18
N ALA B 212 27.09 0.47 14.04
CA ALA B 212 26.64 1.79 13.63
C ALA B 212 27.84 2.72 13.56
N LYS B 213 27.75 3.71 12.68
CA LYS B 213 28.84 4.64 12.47
C LYS B 213 28.29 6.06 12.41
N LEU B 214 28.95 6.98 13.12
CA LEU B 214 28.53 8.37 13.17
C LEU B 214 29.40 9.21 12.25
N TRP B 215 28.77 9.95 11.36
CA TRP B 215 29.46 10.67 10.31
C TRP B 215 29.24 12.16 10.42
N ASP B 216 30.28 12.91 10.10
CA ASP B 216 30.23 14.37 9.97
C ASP B 216 29.93 14.69 8.51
N VAL B 217 28.76 15.30 8.28
CA VAL B 217 28.34 15.58 6.91
C VAL B 217 29.26 16.57 6.25
N ARG B 218 29.65 17.61 6.97
CA ARG B 218 30.43 18.67 6.36
C ARG B 218 31.86 18.22 6.03
N GLU B 219 32.42 17.33 6.83
CA GLU B 219 33.83 16.98 6.69
C GLU B 219 34.07 15.62 6.06
N GLY B 220 33.10 14.72 6.09
CA GLY B 220 33.19 13.47 5.37
C GLY B 220 33.74 12.30 6.14
N MET B 221 34.20 12.50 7.37
CA MET B 221 34.87 11.45 8.13
C MET B 221 33.88 10.66 8.96
N CYS B 222 34.39 9.55 9.50
CA CYS B 222 33.64 8.72 10.45
C CYS B 222 34.17 9.02 11.84
N ARG B 223 33.34 9.62 12.68
CA ARG B 223 33.79 10.03 14.00
C ARG B 223 33.91 8.85 14.93
N GLN B 224 32.82 8.13 15.16
CA GLN B 224 32.78 7.03 16.11
C GLN B 224 32.11 5.82 15.49
N THR B 225 32.52 4.65 15.96
CA THR B 225 31.94 3.37 15.52
C THR B 225 31.46 2.60 16.74
N PHE B 226 30.17 2.31 16.78
CA PHE B 226 29.54 1.63 17.90
C PHE B 226 29.21 0.20 17.50
N THR B 227 29.50 -0.74 18.40
CA THR B 227 29.25 -2.14 18.14
C THR B 227 28.22 -2.70 19.12
N HIS B 229 26.19 -5.22 19.14
CA HIS B 229 25.23 -5.98 18.36
C HIS B 229 25.89 -7.22 17.80
N GLU B 230 25.07 -8.23 17.49
CA GLU B 230 25.59 -9.50 17.01
C GLU B 230 24.94 -9.95 15.71
N SER B 231 24.26 -9.05 15.01
CA SER B 231 23.67 -9.39 13.73
C SER B 231 23.43 -8.09 12.96
N ASP B 232 22.65 -8.18 11.90
CA ASP B 232 22.46 -7.03 11.02
C ASP B 232 21.64 -5.94 11.70
N ILE B 233 22.11 -4.70 11.60
CA ILE B 233 21.37 -3.55 12.09
C ILE B 233 20.43 -3.08 10.98
N ASN B 234 19.13 -3.25 11.20
CA ASN B 234 18.15 -2.95 10.17
C ASN B 234 17.55 -1.57 10.30
N ALA B 235 17.48 -0.99 11.50
CA ALA B 235 16.92 0.34 11.64
C ALA B 235 17.74 1.14 12.63
N ILE B 236 17.78 2.45 12.42
CA ILE B 236 18.50 3.34 13.32
C ILE B 236 17.74 4.65 13.42
N CYS B 237 17.75 5.26 14.61
CA CYS B 237 17.01 6.49 14.83
C CYS B 237 17.68 7.30 15.93
N PHE B 238 17.92 8.58 15.65
CA PHE B 238 18.49 9.46 16.67
C PHE B 238 17.54 9.70 17.82
N PHE B 239 18.10 9.82 19.01
CA PHE B 239 17.39 10.37 20.14
C PHE B 239 17.03 11.81 19.84
N PRO B 240 15.91 12.32 20.37
CA PRO B 240 15.58 13.73 20.13
C PRO B 240 16.65 14.67 20.63
N ASN B 241 17.44 14.27 21.63
CA ASN B 241 18.48 15.12 22.17
C ASN B 241 19.53 15.44 21.12
N GLY B 242 19.87 14.48 20.28
CA GLY B 242 21.01 14.58 19.41
C GLY B 242 22.28 14.02 20.00
N ASN B 243 22.22 13.44 21.20
CA ASN B 243 23.38 12.88 21.87
C ASN B 243 23.20 11.39 22.17
N ALA B 244 22.23 10.75 21.54
CA ALA B 244 22.06 9.32 21.67
C ALA B 244 21.34 8.82 20.43
N PHE B 245 21.36 7.51 20.23
CA PHE B 245 20.60 6.92 19.14
C PHE B 245 20.31 5.46 19.44
N ALA B 246 19.39 4.91 18.66
CA ALA B 246 18.86 3.57 18.90
C ALA B 246 18.98 2.77 17.62
N THR B 247 19.42 1.52 17.78
CA THR B 247 19.63 0.61 16.65
C THR B 247 18.84 -0.65 16.90
N GLY B 248 17.94 -0.97 15.98
CA GLY B 248 17.19 -2.21 16.03
C GLY B 248 17.75 -3.19 15.03
N SER B 249 18.07 -4.38 15.50
CA SER B 249 18.85 -5.33 14.72
C SER B 249 18.09 -6.64 14.51
N ASP B 250 18.75 -7.56 13.79
CA ASP B 250 18.13 -8.82 13.41
C ASP B 250 18.03 -9.79 14.58
N ASP B 251 19.03 -9.82 15.45
CA ASP B 251 18.80 -10.37 16.78
C ASP B 251 17.78 -9.48 17.47
N ALA B 252 16.81 -10.11 18.13
CA ALA B 252 15.70 -9.37 18.77
C ALA B 252 16.67 -8.61 19.63
N THR B 253 16.85 -7.33 19.34
CA THR B 253 17.42 -6.36 20.28
C THR B 253 17.40 -4.97 19.66
N CYS B 254 17.00 -3.99 20.46
CA CYS B 254 17.15 -2.58 20.14
C CYS B 254 18.08 -1.99 21.19
N ARG B 255 19.24 -1.52 20.77
CA ARG B 255 20.25 -1.02 21.69
C ARG B 255 20.34 0.50 21.59
N LEU B 256 20.48 1.14 22.75
CA LEU B 256 20.59 2.59 22.86
C LEU B 256 22.03 2.94 23.20
N PHE B 257 22.69 3.69 22.31
CA PHE B 257 24.05 4.17 22.43
C PHE B 257 24.05 5.68 22.67
N ASP B 258 25.13 6.17 23.25
CA ASP B 258 25.30 7.60 23.53
C ASP B 258 26.58 8.10 22.89
N LEU B 259 26.48 9.18 22.13
CA LEU B 259 27.63 9.70 21.41
C LEU B 259 28.69 10.25 22.36
N ARG B 260 28.26 11.02 23.36
CA ARG B 260 29.21 11.70 24.22
C ARG B 260 29.99 10.74 25.10
N ALA B 261 29.54 9.50 25.24
CA ALA B 261 30.24 8.51 26.04
C ALA B 261 30.77 7.34 25.23
N ASP B 262 30.33 7.17 23.98
CA ASP B 262 30.82 6.11 23.10
C ASP B 262 30.60 4.74 23.73
N GLN B 263 29.34 4.45 24.03
CA GLN B 263 28.96 3.30 24.84
C GLN B 263 27.71 2.66 24.28
N GLU B 264 27.30 1.58 24.93
CA GLU B 264 26.03 0.92 24.70
C GLU B 264 25.24 1.11 25.98
N LEU B 265 24.40 2.15 26.03
CA LEU B 265 23.70 2.46 27.27
C LEU B 265 22.75 1.34 27.68
N MET B 266 21.87 0.91 26.77
CA MET B 266 20.90 -0.09 27.19
C MET B 266 20.60 -1.05 26.06
N THR B 267 20.12 -2.23 26.43
CA THR B 267 19.75 -3.27 25.48
C THR B 267 18.31 -3.67 25.75
N TYR B 268 17.41 -3.30 24.85
CA TYR B 268 16.00 -3.62 24.94
C TYR B 268 15.78 -4.95 24.26
N SER B 269 15.45 -5.96 25.04
CA SER B 269 15.25 -7.31 24.56
C SER B 269 14.32 -8.03 25.51
N HIS B 270 13.69 -9.09 25.01
CA HIS B 270 12.81 -9.92 25.82
C HIS B 270 12.97 -11.36 25.36
N ASP B 271 12.90 -12.29 26.31
CA ASP B 271 13.12 -13.69 25.99
C ASP B 271 12.02 -14.27 25.10
N ASN B 272 10.85 -13.64 25.08
CA ASN B 272 9.74 -14.09 24.24
C ASN B 272 9.77 -13.47 22.86
N ILE B 273 10.77 -12.65 22.56
CA ILE B 273 10.91 -12.01 21.24
C ILE B 273 12.10 -12.66 20.55
N ILE B 274 11.84 -13.25 19.39
CA ILE B 274 12.88 -13.92 18.62
C ILE B 274 13.11 -13.29 17.26
N CYS B 275 12.13 -12.59 16.70
CA CYS B 275 12.22 -12.01 15.37
C CYS B 275 13.14 -10.79 15.37
N GLY B 276 13.41 -10.28 14.17
CA GLY B 276 14.28 -9.13 14.04
C GLY B 276 13.50 -7.84 14.00
N ILE B 277 14.14 -6.77 14.50
CA ILE B 277 13.57 -5.44 14.45
C ILE B 277 13.78 -4.85 13.07
N THR B 278 12.71 -4.35 12.48
CA THR B 278 12.75 -3.74 11.16
C THR B 278 12.80 -2.23 11.20
N SER B 279 12.17 -1.62 12.20
CA SER B 279 12.05 -0.18 12.29
C SER B 279 12.21 0.25 13.75
N VAL B 280 12.76 1.42 13.95
CA VAL B 280 12.94 2.00 15.28
C VAL B 280 12.61 3.49 15.21
N SER B 281 11.85 3.96 16.19
CA SER B 281 11.54 5.38 16.30
C SER B 281 11.42 5.73 17.77
N PHE B 282 11.59 7.02 18.06
CA PHE B 282 11.45 7.54 19.41
C PHE B 282 10.21 8.40 19.50
N SER B 283 9.57 8.39 20.66
CA SER B 283 8.56 9.39 20.95
C SER B 283 9.21 10.76 21.04
N LYS B 284 8.38 11.79 21.04
CA LYS B 284 8.91 13.15 21.01
C LYS B 284 9.78 13.43 22.23
N SER B 285 9.36 12.94 23.39
CA SER B 285 10.14 13.15 24.60
C SER B 285 11.42 12.34 24.60
N GLY B 286 11.47 11.27 23.84
CA GLY B 286 12.56 10.33 23.90
C GLY B 286 12.36 9.21 24.89
N ARG B 287 11.30 9.25 25.70
CA ARG B 287 11.08 8.24 26.72
C ARG B 287 10.55 6.94 26.15
N LEU B 288 9.82 6.99 25.04
CA LEU B 288 9.29 5.80 24.41
C LEU B 288 10.09 5.47 23.16
N LEU B 289 10.55 4.24 23.08
CA LEU B 289 11.22 3.70 21.90
C LEU B 289 10.28 2.71 21.25
N LEU B 290 9.75 3.06 20.09
CA LEU B 290 8.86 2.18 19.37
C LEU B 290 9.66 1.39 18.36
N ALA B 291 9.43 0.09 18.30
CA ALA B 291 10.19 -0.77 17.40
C ALA B 291 9.23 -1.71 16.69
N GLY B 292 9.35 -1.79 15.37
CA GLY B 292 8.59 -2.75 14.59
C GLY B 292 9.33 -4.06 14.46
N TYR B 293 8.57 -5.14 14.41
CA TYR B 293 9.12 -6.48 14.49
C TYR B 293 8.58 -7.33 13.35
N ASP B 294 9.27 -8.44 13.07
CA ASP B 294 8.77 -9.44 12.13
C ASP B 294 7.59 -10.23 12.68
N ASP B 295 7.33 -10.17 13.98
CA ASP B 295 6.19 -10.79 14.65
C ASP B 295 4.89 -10.15 14.35
N PHE B 296 4.88 -9.21 13.42
CA PHE B 296 3.70 -8.55 12.88
C PHE B 296 3.21 -7.46 13.82
N ASN B 297 3.99 -7.09 14.83
CA ASN B 297 3.51 -6.10 15.78
C ASN B 297 4.66 -5.23 16.23
N CYS B 298 4.32 -4.04 16.73
CA CYS B 298 5.29 -3.08 17.22
C CYS B 298 5.26 -3.07 18.73
N ASN B 299 6.44 -3.07 19.33
CA ASN B 299 6.60 -3.03 20.78
C ASN B 299 7.08 -1.64 21.19
N VAL B 300 6.44 -1.09 22.20
CA VAL B 300 6.79 0.20 22.77
C VAL B 300 7.55 -0.06 24.06
N TRP B 301 8.83 0.29 24.05
CA TRP B 301 9.72 0.16 25.19
C TRP B 301 9.86 1.49 25.90
N ASP B 302 10.14 1.42 27.19
CA ASP B 302 10.51 2.60 27.96
C ASP B 302 12.00 2.79 27.79
N ALA B 303 12.38 3.90 27.15
CA ALA B 303 13.76 4.08 26.72
C ALA B 303 14.73 4.24 27.87
N LEU B 304 14.25 4.40 29.10
CA LEU B 304 15.12 4.58 30.25
C LEU B 304 15.10 3.42 31.22
N LYS B 305 13.95 2.82 31.50
CA LYS B 305 13.89 1.68 32.39
C LYS B 305 14.10 0.35 31.68
N ALA B 306 14.18 0.36 30.34
CA ALA B 306 14.46 -0.84 29.55
C ALA B 306 13.42 -1.92 29.73
N ASP B 307 12.19 -1.52 30.03
CA ASP B 307 11.09 -2.47 30.21
C ASP B 307 10.01 -2.23 29.17
N ARG B 308 9.35 -3.30 28.77
CA ARG B 308 8.31 -3.17 27.77
C ARG B 308 7.13 -2.39 28.33
N ALA B 309 6.60 -1.49 27.52
CA ALA B 309 5.49 -0.66 27.94
C ALA B 309 4.19 -0.95 27.21
N GLY B 310 4.27 -1.40 25.97
CA GLY B 310 3.03 -1.69 25.26
C GLY B 310 3.28 -2.43 23.98
N VAL B 311 2.18 -2.87 23.36
CA VAL B 311 2.21 -3.57 22.09
C VAL B 311 1.14 -2.97 21.20
N LEU B 312 1.49 -2.70 19.94
CA LEU B 312 0.50 -2.18 19.01
C LEU B 312 -0.40 -3.29 18.48
N ALA B 313 0.18 -4.26 17.78
CA ALA B 313 -0.48 -5.51 17.45
C ALA B 313 -1.77 -5.28 16.66
N GLY B 314 -1.60 -4.80 15.44
CA GLY B 314 -2.74 -4.63 14.56
C GLY B 314 -2.47 -4.96 13.11
N HIS B 315 -1.42 -5.73 12.84
CA HIS B 315 -1.00 -6.02 11.48
C HIS B 315 -1.03 -7.51 11.20
N ASP B 316 -1.28 -7.86 9.95
CA ASP B 316 -1.31 -9.25 9.52
C ASP B 316 0.02 -9.72 8.93
N ASN B 317 0.96 -8.80 8.68
CA ASN B 317 2.27 -9.17 8.18
C ASN B 317 3.29 -8.25 8.83
N ARG B 318 4.56 -8.47 8.52
CA ARG B 318 5.63 -7.85 9.29
C ARG B 318 5.62 -6.35 9.15
N VAL B 319 5.89 -5.66 10.25
CA VAL B 319 5.95 -4.21 10.25
C VAL B 319 7.29 -3.81 9.64
N SER B 320 7.23 -3.10 8.52
CA SER B 320 8.43 -2.75 7.79
C SER B 320 8.86 -1.31 7.97
N CYS B 321 7.97 -0.44 8.42
CA CYS B 321 8.35 0.95 8.62
C CYS B 321 7.58 1.53 9.79
N LEU B 322 8.20 2.49 10.46
CA LEU B 322 7.64 3.11 11.65
C LEU B 322 8.08 4.56 11.68
N GLY B 323 7.19 5.44 12.08
CA GLY B 323 7.55 6.84 12.14
C GLY B 323 6.71 7.65 13.09
N VAL B 324 7.34 8.45 13.94
CA VAL B 324 6.65 9.30 14.91
C VAL B 324 6.70 10.73 14.40
N THR B 325 5.55 11.40 14.42
CA THR B 325 5.44 12.74 13.88
C THR B 325 6.33 13.70 14.66
N ASP B 326 6.55 14.87 14.07
CA ASP B 326 7.36 15.88 14.74
C ASP B 326 6.69 16.39 16.01
N ASP B 327 5.35 16.40 16.05
CA ASP B 327 4.65 16.86 17.24
C ASP B 327 4.34 15.72 18.21
N GLY B 328 4.76 14.50 17.92
CA GLY B 328 4.51 13.40 18.82
C GLY B 328 3.07 12.96 18.85
N MET B 329 2.25 13.45 17.92
CA MET B 329 0.82 13.17 17.96
C MET B 329 0.51 11.73 17.60
N ALA B 330 1.29 11.10 16.73
CA ALA B 330 0.92 9.77 16.26
C ALA B 330 2.15 9.01 15.81
N VAL B 331 2.02 7.68 15.82
CA VAL B 331 3.05 6.77 15.33
C VAL B 331 2.44 5.98 14.20
N ALA B 332 3.00 6.13 13.00
CA ALA B 332 2.48 5.46 11.82
C ALA B 332 3.31 4.22 11.54
N THR B 333 2.64 3.08 11.41
CA THR B 333 3.26 1.80 11.17
C THR B 333 2.84 1.30 9.79
N GLY B 334 3.80 0.92 8.98
CA GLY B 334 3.50 0.34 7.69
C GLY B 334 4.05 -1.06 7.59
N SER B 335 3.20 -2.00 7.23
CA SER B 335 3.56 -3.41 7.23
C SER B 335 3.54 -3.96 5.81
N TRP B 336 3.77 -5.26 5.71
CA TRP B 336 3.85 -5.90 4.40
C TRP B 336 2.49 -6.23 3.83
N ASP B 337 1.43 -6.19 4.63
CA ASP B 337 0.14 -5.96 4.02
C ASP B 337 0.05 -4.50 3.60
N SER B 338 -0.73 -4.25 2.55
CA SER B 338 -0.82 -2.92 1.98
C SER B 338 -0.98 -1.81 3.00
N PHE B 339 -1.60 -2.11 4.12
CA PHE B 339 -1.96 -1.05 5.05
C PHE B 339 -0.93 -0.33 5.89
N LEU B 340 -1.15 0.97 6.07
CA LEU B 340 -0.54 1.74 7.14
C LEU B 340 -1.58 1.99 8.21
N LYS B 341 -1.11 2.07 9.46
CA LYS B 341 -1.96 2.30 10.60
C LYS B 341 -1.39 3.45 11.41
N ILE B 342 -2.23 4.41 11.75
CA ILE B 342 -1.83 5.57 12.55
C ILE B 342 -2.28 5.30 13.97
N TRP B 343 -1.33 5.03 14.86
CA TRP B 343 -1.62 4.77 16.25
C TRP B 343 -1.45 6.04 17.07
N ASN B 344 -2.26 6.16 18.11
CA ASN B 344 -2.22 7.35 18.96
C ASN B 344 -2.33 6.96 20.43
N GLN C 10 45.76 0.00 2.15
CA GLN C 10 44.43 -0.58 2.27
C GLN C 10 44.14 -0.97 3.71
N ALA C 11 45.21 -1.13 4.49
CA ALA C 11 45.10 -1.35 5.92
C ALA C 11 45.61 -0.18 6.74
N ARG C 12 46.33 0.75 6.13
CA ARG C 12 46.70 1.97 6.82
C ARG C 12 45.50 2.89 7.02
N LYS C 13 44.49 2.80 6.15
CA LYS C 13 43.28 3.57 6.39
C LYS C 13 42.59 3.12 7.67
N LEU C 14 42.56 1.81 7.92
CA LEU C 14 41.96 1.32 9.15
C LEU C 14 42.71 1.86 10.37
N VAL C 15 44.04 1.85 10.33
CA VAL C 15 44.79 2.28 11.51
C VAL C 15 44.65 3.78 11.72
N GLU C 16 44.63 4.56 10.63
CA GLU C 16 44.45 6.01 10.80
C GLU C 16 43.06 6.34 11.32
N GLN C 17 42.02 5.70 10.75
CA GLN C 17 40.67 5.94 11.22
C GLN C 17 40.50 5.52 12.66
N LEU C 18 41.09 4.39 13.04
CA LEU C 18 40.96 3.91 14.41
C LEU C 18 41.76 4.76 15.37
N LYS C 19 42.86 5.36 14.92
CA LYS C 19 43.56 6.34 15.75
C LYS C 19 42.72 7.59 15.95
N MET C 20 42.04 8.05 14.90
CA MET C 20 41.18 9.22 15.06
C MET C 20 40.01 8.92 15.96
N GLU C 21 39.50 7.68 15.93
CA GLU C 21 38.40 7.30 16.80
C GLU C 21 38.85 7.07 18.23
N ALA C 22 40.11 6.68 18.44
CA ALA C 22 40.59 6.44 19.79
C ALA C 22 40.76 7.74 20.56
N ASN C 23 41.28 8.77 19.91
CA ASN C 23 41.54 10.04 20.59
C ASN C 23 40.31 10.94 20.53
N ILE C 24 39.31 10.54 21.31
CA ILE C 24 38.10 11.33 21.51
C ILE C 24 37.95 11.58 23.01
N ASP C 25 37.17 12.59 23.35
CA ASP C 25 36.99 13.02 24.74
C ASP C 25 35.69 12.44 25.27
N ARG C 26 35.77 11.24 25.83
CA ARG C 26 34.60 10.59 26.36
C ARG C 26 34.17 11.24 27.66
N ILE C 27 32.89 11.08 27.99
CA ILE C 27 32.35 11.49 29.27
C ILE C 27 31.84 10.25 29.98
N LYS C 28 31.78 10.31 31.30
CA LYS C 28 31.33 9.17 32.08
C LYS C 28 29.89 8.83 31.74
N VAL C 29 29.57 7.53 31.76
CA VAL C 29 28.24 7.09 31.39
C VAL C 29 27.18 7.68 32.32
N SER C 30 27.57 8.00 33.55
CA SER C 30 26.62 8.58 34.49
C SER C 30 26.13 9.93 34.00
N LYS C 31 27.02 10.77 33.49
CA LYS C 31 26.60 12.09 33.03
C LYS C 31 25.71 11.99 31.80
N ALA C 32 26.01 11.07 30.88
CA ALA C 32 25.16 10.88 29.73
C ALA C 32 23.79 10.37 30.13
N ALA C 33 23.75 9.43 31.07
CA ALA C 33 22.47 8.94 31.57
C ALA C 33 21.67 10.05 32.23
N ALA C 34 22.35 10.89 33.01
CA ALA C 34 21.68 12.02 33.65
C ALA C 34 21.13 12.97 32.62
N ASP C 35 21.88 13.22 31.55
CA ASP C 35 21.40 14.12 30.50
C ASP C 35 20.18 13.55 29.78
N LEU C 36 20.19 12.25 29.48
CA LEU C 36 19.01 11.64 28.86
C LEU C 36 17.80 11.69 29.80
N MET C 37 18.00 11.39 31.07
CA MET C 37 16.88 11.45 32.02
C MET C 37 16.36 12.88 32.15
N ALA C 38 17.27 13.86 32.17
CA ALA C 38 16.86 15.25 32.26
C ALA C 38 16.09 15.68 31.03
N TYR C 39 16.53 15.26 29.85
CA TYR C 39 15.79 15.59 28.64
C TYR C 39 14.41 14.96 28.64
N CYS C 40 14.31 13.72 29.12
CA CYS C 40 13.01 13.07 29.14
C CYS C 40 12.08 13.71 30.16
N GLU C 41 12.63 14.17 31.29
CA GLU C 41 11.80 14.82 32.30
C GLU C 41 11.38 16.21 31.86
N ALA C 42 12.29 16.97 31.24
CA ALA C 42 11.97 18.32 30.81
C ALA C 42 10.85 18.32 29.78
N HIS C 43 10.98 17.48 28.76
CA HIS C 43 9.95 17.35 27.74
C HIS C 43 8.99 16.21 28.04
N ALA C 44 8.48 16.14 29.27
CA ALA C 44 7.57 15.06 29.61
C ALA C 44 6.14 15.37 29.18
N LYS C 45 5.67 16.56 29.51
CA LYS C 45 4.33 17.00 29.10
C LYS C 45 4.37 17.68 27.74
N GLU C 46 4.99 17.03 26.77
CA GLU C 46 5.06 17.56 25.42
C GLU C 46 4.66 16.51 24.40
N ASP C 47 4.91 15.24 24.68
CA ASP C 47 4.60 14.18 23.74
C ASP C 47 3.28 13.54 24.11
N PRO C 48 2.29 13.56 23.23
CA PRO C 48 1.02 12.90 23.54
C PRO C 48 1.15 11.41 23.80
N LEU C 49 2.18 10.75 23.27
CA LEU C 49 2.29 9.32 23.46
C LEU C 49 2.55 8.95 24.91
N LEU C 50 3.38 9.73 25.60
CA LEU C 50 3.58 9.52 27.04
C LEU C 50 2.31 9.80 27.81
N THR C 51 1.87 11.06 27.81
CA THR C 51 0.67 11.49 28.52
C THR C 51 -0.42 11.77 27.50
N PRO C 52 -1.42 10.90 27.36
CA PRO C 52 -2.39 11.05 26.28
C PRO C 52 -3.10 12.39 26.34
N VAL C 53 -3.07 13.10 25.22
CA VAL C 53 -3.71 14.41 25.11
C VAL C 53 -5.21 14.18 25.12
N PRO C 54 -6.01 15.12 25.62
CA PRO C 54 -7.46 14.93 25.62
C PRO C 54 -7.99 14.84 24.19
N ALA C 55 -9.13 14.15 24.06
CA ALA C 55 -9.67 13.89 22.73
C ALA C 55 -10.03 15.16 21.97
N SER C 56 -10.17 16.28 22.67
CA SER C 56 -10.43 17.55 22.00
C SER C 56 -9.20 18.01 21.21
N GLU C 57 -8.01 17.79 21.76
CA GLU C 57 -6.77 18.25 21.14
C GLU C 57 -6.12 17.20 20.25
N ASN C 58 -6.75 16.05 20.09
CA ASN C 58 -6.19 14.95 19.30
C ASN C 58 -6.80 14.99 17.91
N PRO C 59 -6.01 15.21 16.85
CA PRO C 59 -6.58 15.28 15.51
C PRO C 59 -6.85 13.93 14.89
N PHE C 60 -6.59 12.84 15.57
CA PHE C 60 -6.87 11.52 15.05
C PHE C 60 -8.00 10.85 15.81
N THR D 53 -42.25 -32.59 24.52
CA THR D 53 -41.35 -31.77 25.31
C THR D 53 -40.19 -31.20 24.52
N LEU D 54 -40.12 -31.46 23.22
CA LEU D 54 -39.00 -31.02 22.36
C LEU D 54 -38.81 -29.53 22.21
N PHE D 55 -39.90 -28.77 22.15
CA PHE D 55 -39.80 -27.35 21.87
C PHE D 55 -38.98 -26.64 22.89
N LEU D 56 -38.87 -27.18 24.08
CA LEU D 56 -38.01 -26.49 24.99
C LEU D 56 -36.59 -26.51 24.47
N ALA D 57 -36.11 -27.68 24.07
CA ALA D 57 -34.72 -27.79 23.60
C ALA D 57 -34.40 -27.15 22.28
N THR D 58 -35.31 -27.27 21.33
CA THR D 58 -35.03 -26.80 19.98
C THR D 58 -34.75 -25.33 19.92
N VAL D 59 -35.44 -24.55 20.72
CA VAL D 59 -35.12 -23.15 20.72
C VAL D 59 -33.67 -22.93 21.13
N LEU D 60 -33.17 -23.68 22.08
CA LEU D 60 -31.82 -23.43 22.51
C LEU D 60 -30.78 -23.62 21.43
N VAL D 61 -30.85 -24.70 20.67
CA VAL D 61 -29.89 -24.88 19.61
C VAL D 61 -30.21 -23.91 18.52
N SER D 62 -31.46 -23.52 18.40
CA SER D 62 -31.77 -22.56 17.42
C SER D 62 -31.06 -21.30 17.80
N LEU D 63 -31.03 -21.00 19.08
CA LEU D 63 -30.28 -19.84 19.49
C LEU D 63 -28.83 -20.05 19.17
N CYS D 64 -28.33 -21.26 19.48
CA CYS D 64 -26.91 -21.55 19.29
C CYS D 64 -26.52 -21.60 17.83
N GLY D 65 -27.48 -21.83 16.95
CA GLY D 65 -27.17 -21.80 15.53
C GLY D 65 -26.73 -20.37 15.29
N LEU D 66 -27.42 -19.44 15.94
CA LEU D 66 -27.10 -18.02 15.81
C LEU D 66 -25.78 -17.66 16.50
N VAL D 67 -25.52 -18.23 17.66
CA VAL D 67 -24.26 -17.98 18.34
C VAL D 67 -23.17 -18.36 17.37
N GLY D 68 -23.54 -19.12 16.34
CA GLY D 68 -22.55 -19.59 15.41
C GLY D 68 -22.53 -18.96 14.04
N ASN D 69 -23.69 -18.83 13.41
CA ASN D 69 -23.74 -18.30 12.08
C ASN D 69 -23.26 -16.92 12.24
N GLY D 70 -23.59 -16.32 13.36
CA GLY D 70 -23.18 -14.96 13.60
C GLY D 70 -21.69 -14.78 13.67
N THR D 71 -21.02 -15.68 14.34
CA THR D 71 -19.59 -15.60 14.37
C THR D 71 -18.93 -15.76 13.01
N VAL D 72 -19.40 -16.71 12.19
CA VAL D 72 -18.78 -16.95 10.90
C VAL D 72 -18.97 -15.73 10.13
N ILE D 73 -20.11 -15.06 10.34
CA ILE D 73 -20.39 -13.80 9.66
C ILE D 73 -19.16 -12.97 9.85
N TRP D 74 -18.75 -12.88 11.12
CA TRP D 74 -17.57 -12.05 11.39
C TRP D 74 -16.27 -12.65 10.88
N LEU D 75 -16.01 -13.92 11.18
CA LEU D 75 -14.75 -14.55 10.80
C LEU D 75 -14.52 -14.48 9.30
N LEU D 76 -15.49 -14.93 8.52
CA LEU D 76 -15.35 -14.96 7.09
C LEU D 76 -15.47 -13.61 6.49
N GLY D 77 -16.37 -12.80 6.99
CA GLY D 77 -16.59 -11.55 6.34
C GLY D 77 -15.75 -10.40 6.75
N PHE D 78 -15.59 -10.20 8.06
CA PHE D 78 -14.87 -9.04 8.57
C PHE D 78 -13.44 -9.30 9.13
N ARG D 79 -13.19 -10.50 9.65
CA ARG D 79 -11.87 -10.83 10.20
C ARG D 79 -10.79 -11.32 9.23
N ILE D 80 -11.00 -12.49 8.62
CA ILE D 80 -10.13 -12.91 7.53
C ILE D 80 -10.32 -12.09 6.30
N LYS D 81 -9.33 -12.10 5.42
CA LYS D 81 -9.41 -11.33 4.18
C LYS D 81 -10.34 -12.01 3.18
N ARG D 82 -10.97 -11.21 2.33
CA ARG D 82 -11.91 -11.76 1.35
C ARG D 82 -11.26 -12.63 0.29
N ASN D 83 -11.79 -13.84 0.03
CA ASN D 83 -11.30 -14.70 -1.04
C ASN D 83 -12.54 -15.10 -1.89
N PRO D 84 -12.42 -15.47 -3.17
CA PRO D 84 -13.60 -15.76 -3.99
C PRO D 84 -14.66 -16.59 -3.26
N PHE D 85 -14.28 -17.66 -2.58
CA PHE D 85 -15.21 -18.47 -1.90
C PHE D 85 -15.81 -17.76 -0.66
N SER D 86 -15.12 -16.79 -0.07
CA SER D 86 -15.62 -16.14 1.14
C SER D 86 -16.97 -15.59 0.89
N VAL D 87 -17.17 -14.88 -0.18
CA VAL D 87 -18.45 -14.23 -0.43
C VAL D 87 -19.58 -15.25 -0.45
N TYR D 88 -19.34 -16.40 -1.09
CA TYR D 88 -20.37 -17.43 -1.14
C TYR D 88 -20.67 -18.00 0.24
N ILE D 89 -19.65 -18.25 0.99
CA ILE D 89 -19.92 -18.80 2.26
C ILE D 89 -20.70 -17.74 2.98
N LEU D 90 -20.25 -16.51 2.95
CA LEU D 90 -20.91 -15.45 3.69
C LEU D 90 -22.39 -15.42 3.37
N ASN D 91 -22.75 -15.59 2.10
CA ASN D 91 -24.16 -15.52 1.73
C ASN D 91 -24.89 -16.69 2.31
N LEU D 92 -24.25 -17.85 2.34
CA LEU D 92 -24.87 -19.03 2.96
C LEU D 92 -25.11 -18.77 4.44
N ALA D 93 -24.13 -18.17 5.11
CA ALA D 93 -24.27 -17.86 6.53
C ALA D 93 -25.34 -16.82 6.78
N GLY D 94 -25.40 -15.78 5.94
CA GLY D 94 -26.43 -14.78 6.08
C GLY D 94 -27.82 -15.33 5.84
N ALA D 95 -27.99 -16.25 4.95
CA ALA D 95 -29.32 -16.73 4.65
C ALA D 95 -29.81 -17.57 5.76
N ASP D 96 -28.95 -18.43 6.24
CA ASP D 96 -29.34 -19.27 7.34
C ASP D 96 -29.60 -18.42 8.55
N PHE D 97 -28.81 -17.37 8.76
CA PHE D 97 -28.93 -16.58 9.95
C PHE D 97 -30.29 -16.08 9.89
N ALA D 98 -30.76 -15.67 8.75
CA ALA D 98 -32.12 -15.20 8.60
C ALA D 98 -33.30 -16.12 8.69
N PHE D 99 -33.15 -17.32 8.18
CA PHE D 99 -34.24 -18.25 8.17
C PHE D 99 -34.31 -18.59 9.62
N LEU D 100 -33.19 -18.43 10.33
CA LEU D 100 -33.19 -18.67 11.77
C LEU D 100 -33.62 -17.42 12.48
N PHE D 101 -33.45 -16.26 11.87
CA PHE D 101 -33.78 -15.02 12.60
C PHE D 101 -35.27 -15.00 12.75
N CYS D 102 -35.98 -15.23 11.68
CA CYS D 102 -37.38 -15.19 11.82
C CYS D 102 -37.76 -16.40 12.68
N LYS D 103 -37.09 -17.53 12.53
CA LYS D 103 -37.52 -18.74 13.24
C LYS D 103 -37.51 -18.59 14.72
N SER D 104 -36.38 -18.18 15.25
CA SER D 104 -36.27 -18.02 16.66
C SER D 104 -37.17 -16.91 17.09
N VAL D 105 -37.37 -15.91 16.24
CA VAL D 105 -38.32 -14.86 16.58
C VAL D 105 -39.75 -15.36 16.73
N ARG D 106 -40.19 -16.24 15.86
CA ARG D 106 -41.51 -16.79 15.98
C ARG D 106 -41.48 -17.52 17.28
N PHE D 107 -40.42 -18.27 17.48
CA PHE D 107 -40.37 -19.12 18.68
C PHE D 107 -40.59 -18.27 19.93
N LEU D 108 -39.96 -17.10 19.96
CA LEU D 108 -40.14 -16.22 21.09
C LEU D 108 -41.53 -15.57 21.17
N LEU D 109 -42.11 -15.21 20.03
CA LEU D 109 -43.45 -14.67 20.03
C LEU D 109 -44.40 -15.70 20.58
N LEU D 110 -44.21 -16.95 20.21
CA LEU D 110 -45.07 -18.01 20.72
C LEU D 110 -44.95 -18.22 22.23
N VAL D 111 -43.73 -18.32 22.75
CA VAL D 111 -43.57 -18.45 24.19
C VAL D 111 -44.16 -17.21 24.82
N LEU D 112 -43.90 -16.06 24.23
CA LEU D 112 -44.46 -14.81 24.74
C LEU D 112 -45.94 -14.85 24.61
N ASN D 113 -46.43 -15.56 23.62
CA ASN D 113 -47.86 -15.71 23.40
C ASN D 113 -48.40 -14.43 22.83
N ARG D 114 -47.52 -13.55 22.40
CA ARG D 114 -48.03 -12.39 21.73
C ARG D 114 -48.05 -13.08 20.42
N SER D 115 -49.22 -13.28 19.84
CA SER D 115 -49.25 -14.06 18.63
C SER D 115 -49.88 -13.36 17.46
N VAL D 116 -49.24 -13.46 16.31
CA VAL D 116 -49.80 -12.87 15.11
C VAL D 116 -49.88 -13.87 13.98
N ALA D 117 -48.74 -14.45 13.62
CA ALA D 117 -48.66 -15.41 12.51
C ALA D 117 -48.72 -14.86 11.08
N VAL D 118 -48.62 -13.55 10.89
CA VAL D 118 -48.49 -13.05 9.50
C VAL D 118 -47.00 -13.30 9.33
N LEU D 119 -46.31 -13.57 10.42
CA LEU D 119 -44.91 -13.97 10.35
C LEU D 119 -44.84 -15.28 9.64
N ASN D 120 -45.77 -16.16 9.97
CA ASN D 120 -45.70 -17.47 9.40
C ASN D 120 -45.75 -17.36 7.91
N VAL D 121 -46.39 -16.33 7.40
CA VAL D 121 -46.51 -16.24 5.97
C VAL D 121 -45.13 -16.11 5.44
N LEU D 122 -44.33 -15.23 6.02
CA LEU D 122 -42.98 -15.01 5.54
C LEU D 122 -42.05 -16.18 5.75
N ILE D 123 -42.14 -16.81 6.89
CA ILE D 123 -41.19 -17.84 7.19
C ILE D 123 -41.36 -18.91 6.15
N ARG D 124 -42.58 -19.24 5.80
CA ARG D 124 -42.75 -20.22 4.74
C ARG D 124 -42.80 -19.51 3.43
N GLY D 125 -42.86 -18.20 3.48
CA GLY D 125 -42.84 -17.46 2.25
C GLY D 125 -41.57 -17.47 1.47
N VAL D 126 -40.46 -17.32 2.17
CA VAL D 126 -39.21 -17.22 1.51
C VAL D 126 -38.53 -18.55 1.68
N THR D 127 -39.26 -19.52 2.17
CA THR D 127 -38.63 -20.76 2.45
C THR D 127 -38.15 -21.26 1.17
N PHE D 128 -38.87 -21.01 0.10
CA PHE D 128 -38.43 -21.59 -1.12
C PHE D 128 -37.14 -21.01 -1.60
N SER D 129 -36.59 -20.04 -0.88
CA SER D 129 -35.31 -19.41 -1.25
C SER D 129 -34.07 -19.92 -0.51
N SER D 130 -34.18 -20.41 0.72
CA SER D 130 -33.03 -21.03 1.41
C SER D 130 -32.65 -22.20 0.54
N TYR D 131 -33.43 -22.43 -0.53
CA TYR D 131 -33.21 -23.59 -1.42
C TYR D 131 -32.75 -23.38 -2.87
N LEU D 132 -33.52 -22.62 -3.65
CA LEU D 132 -33.11 -22.34 -5.02
C LEU D 132 -31.84 -21.60 -4.77
N GLY D 133 -31.81 -20.80 -3.70
CA GLY D 133 -30.61 -20.08 -3.32
C GLY D 133 -29.49 -20.91 -2.75
N GLY D 134 -29.66 -21.48 -1.56
CA GLY D 134 -28.59 -22.22 -0.93
C GLY D 134 -27.99 -23.26 -1.87
N LEU D 135 -28.84 -23.99 -2.59
CA LEU D 135 -28.36 -24.98 -3.55
C LEU D 135 -27.63 -24.31 -4.70
N SER D 136 -28.07 -23.12 -5.10
CA SER D 136 -27.40 -22.40 -6.18
C SER D 136 -26.05 -21.87 -5.72
N LEU D 137 -25.96 -21.41 -4.48
CA LEU D 137 -24.67 -20.97 -3.97
C LEU D 137 -23.76 -22.19 -3.98
N LEU D 138 -24.23 -23.31 -3.43
CA LEU D 138 -23.36 -24.48 -3.34
C LEU D 138 -22.89 -24.91 -4.72
N MET D 139 -23.77 -24.85 -5.72
CA MET D 139 -23.36 -25.09 -7.09
C MET D 139 -22.31 -24.08 -7.54
N ALA D 140 -22.49 -22.82 -7.17
CA ALA D 140 -21.52 -21.79 -7.55
C ALA D 140 -20.16 -22.07 -6.93
N VAL D 141 -20.12 -22.42 -5.65
CA VAL D 141 -18.84 -22.75 -5.04
C VAL D 141 -18.21 -23.94 -5.75
N SER D 142 -18.99 -25.00 -5.96
CA SER D 142 -18.43 -26.20 -6.56
C SER D 142 -17.87 -25.92 -7.95
N VAL D 143 -18.60 -25.14 -8.75
CA VAL D 143 -18.13 -24.80 -10.09
C VAL D 143 -16.89 -23.93 -10.02
N GLU D 144 -16.85 -22.98 -9.07
CA GLU D 144 -15.66 -22.14 -8.94
C GLU D 144 -14.45 -22.96 -8.51
N ARG D 145 -14.67 -23.92 -7.64
CA ARG D 145 -13.57 -24.75 -7.27
C ARG D 145 -13.12 -25.64 -8.38
N CYS D 146 -13.99 -26.14 -9.22
CA CYS D 146 -13.55 -26.91 -10.37
C CYS D 146 -12.89 -26.04 -11.42
N LEU D 147 -13.20 -24.75 -11.45
CA LEU D 147 -12.50 -23.82 -12.32
C LEU D 147 -11.16 -23.36 -11.73
N SER D 148 -10.95 -23.56 -10.44
CA SER D 148 -9.70 -23.20 -9.80
C SER D 148 -8.68 -24.33 -9.80
N VAL D 149 -9.01 -25.48 -10.38
CA VAL D 149 -8.06 -26.58 -10.53
C VAL D 149 -7.87 -26.81 -12.01
N LEU D 150 -8.89 -26.46 -12.79
CA LEU D 150 -8.78 -26.56 -14.24
C LEU D 150 -8.12 -25.32 -14.83
N PHE D 151 -8.42 -24.16 -14.27
CA PHE D 151 -7.94 -22.88 -14.77
C PHE D 151 -7.27 -22.12 -13.63
N PRO D 152 -6.08 -22.52 -13.23
CA PRO D 152 -5.43 -21.87 -12.09
C PRO D 152 -5.03 -20.44 -12.39
N ILE D 153 -4.36 -20.23 -13.53
CA ILE D 153 -3.91 -18.90 -13.91
C ILE D 153 -5.10 -17.97 -14.08
N TRP D 154 -6.17 -18.46 -14.70
CA TRP D 154 -7.35 -17.62 -14.89
C TRP D 154 -7.98 -17.26 -13.57
N TYR D 155 -8.10 -18.21 -12.66
CA TYR D 155 -8.76 -17.96 -11.38
C TYR D 155 -7.97 -16.99 -10.53
N ARG D 156 -6.66 -17.18 -10.47
CA ARG D 156 -5.81 -16.35 -9.61
C ARG D 156 -5.57 -14.98 -10.23
N CYS D 157 -5.50 -14.89 -11.56
CA CYS D 157 -5.04 -13.69 -12.23
C CYS D 157 -6.17 -12.91 -12.91
N ARG D 158 -6.89 -13.53 -13.84
CA ARG D 158 -7.76 -12.78 -14.74
C ARG D 158 -9.23 -12.85 -14.37
N ARG D 159 -9.55 -13.33 -13.17
CA ARG D 159 -10.95 -13.44 -12.74
C ARG D 159 -11.44 -12.14 -12.11
N LEU D 160 -12.62 -11.66 -12.53
CA LEU D 160 -13.18 -10.46 -11.95
C LEU D 160 -13.30 -10.62 -10.44
N ALA D 161 -12.71 -9.68 -9.71
CA ALA D 161 -12.72 -9.77 -8.25
C ALA D 161 -14.13 -9.75 -7.70
N GLN D 162 -15.05 -9.10 -8.40
CA GLN D 162 -16.44 -8.99 -7.98
C GLN D 162 -17.34 -9.98 -8.72
N LEU D 163 -16.77 -10.95 -9.43
CA LEU D 163 -17.59 -11.98 -10.05
C LEU D 163 -18.29 -12.82 -8.99
N SER D 164 -17.68 -12.97 -7.82
CA SER D 164 -18.38 -13.62 -6.71
C SER D 164 -19.61 -12.81 -6.30
N ALA D 165 -19.47 -11.49 -6.23
CA ALA D 165 -20.54 -10.61 -5.79
C ALA D 165 -21.50 -10.23 -6.91
N ILE D 166 -21.29 -10.71 -8.13
CA ILE D 166 -22.31 -10.70 -9.16
C ILE D 166 -23.03 -12.04 -9.23
N ALA D 167 -22.29 -13.14 -9.12
CA ALA D 167 -22.93 -14.45 -9.05
C ALA D 167 -23.81 -14.38 -7.83
N CYS D 168 -23.24 -14.06 -6.66
CA CYS D 168 -24.07 -13.83 -5.48
C CYS D 168 -24.76 -12.57 -5.90
N ALA D 169 -26.05 -12.39 -5.57
CA ALA D 169 -26.87 -11.24 -6.02
C ALA D 169 -27.47 -11.53 -7.37
N LEU D 170 -27.09 -12.61 -8.03
CA LEU D 170 -27.77 -12.99 -9.26
C LEU D 170 -28.54 -14.19 -8.78
N ILE D 171 -27.85 -15.09 -8.09
CA ILE D 171 -28.51 -16.23 -7.49
C ILE D 171 -29.71 -15.78 -6.66
N TRP D 172 -29.54 -14.72 -5.86
CA TRP D 172 -30.66 -14.18 -5.09
C TRP D 172 -31.61 -13.39 -5.96
N GLY D 173 -31.08 -12.66 -6.93
CA GLY D 173 -31.93 -11.86 -7.81
C GLY D 173 -32.85 -12.69 -8.69
N LEU D 174 -32.53 -13.97 -8.90
CA LEU D 174 -33.39 -14.88 -9.62
C LEU D 174 -33.72 -16.13 -8.80
N SER D 175 -33.59 -16.06 -7.47
CA SER D 175 -33.97 -17.14 -6.58
C SER D 175 -35.16 -16.77 -5.70
N LEU D 176 -35.14 -15.57 -5.13
CA LEU D 176 -36.26 -15.09 -4.36
C LEU D 176 -37.32 -14.86 -5.38
N CYS D 177 -37.00 -14.08 -6.41
CA CYS D 177 -37.99 -13.78 -7.44
C CYS D 177 -38.66 -15.04 -7.96
N MET D 178 -38.05 -16.20 -7.73
CA MET D 178 -38.62 -17.49 -8.11
C MET D 178 -39.32 -18.18 -6.95
N GLY D 179 -39.00 -17.83 -5.72
CA GLY D 179 -39.62 -18.46 -4.57
C GLY D 179 -40.84 -17.71 -4.11
N ILE D 180 -40.81 -16.38 -4.25
CA ILE D 180 -42.02 -15.60 -4.06
C ILE D 180 -43.10 -16.10 -5.01
N LEU D 181 -42.68 -16.52 -6.20
CA LEU D 181 -43.65 -17.06 -7.16
C LEU D 181 -44.32 -18.32 -6.61
N VAL D 182 -43.55 -19.26 -6.07
CA VAL D 182 -44.17 -20.49 -5.60
C VAL D 182 -45.02 -20.23 -4.36
N PHE D 183 -44.58 -19.30 -3.50
CA PHE D 183 -45.41 -18.92 -2.36
C PHE D 183 -46.71 -18.29 -2.82
N LEU D 184 -46.68 -17.52 -3.90
CA LEU D 184 -47.88 -16.88 -4.42
C LEU D 184 -48.71 -17.77 -5.33
N CYS D 185 -48.18 -18.94 -5.66
CA CYS D 185 -48.89 -19.74 -6.61
C CYS D 185 -49.40 -21.07 -6.06
N VAL D 186 -48.74 -21.61 -5.03
CA VAL D 186 -49.29 -22.79 -4.37
C VAL D 186 -50.29 -22.40 -3.29
N HIS D 187 -50.10 -21.25 -2.65
CA HIS D 187 -51.05 -20.78 -1.63
C HIS D 187 -52.20 -20.10 -2.33
N PHE D 188 -52.00 -18.86 -2.79
CA PHE D 188 -53.02 -18.20 -3.60
C PHE D 188 -52.76 -18.89 -4.90
N VAL D 189 -53.65 -18.75 -5.87
CA VAL D 189 -53.44 -19.55 -7.07
C VAL D 189 -53.91 -19.00 -8.39
N ASP D 190 -53.19 -19.28 -9.47
CA ASP D 190 -53.62 -18.92 -10.81
C ASP D 190 -53.44 -20.23 -11.59
N PHE D 191 -54.41 -20.56 -12.47
CA PHE D 191 -54.43 -21.85 -13.20
C PHE D 191 -53.27 -22.59 -13.79
N LEU D 192 -52.43 -21.84 -14.52
CA LEU D 192 -51.32 -22.44 -15.24
C LEU D 192 -50.13 -21.74 -14.67
N CYS D 193 -50.32 -21.00 -13.58
CA CYS D 193 -49.15 -20.42 -12.92
C CYS D 193 -48.45 -21.61 -12.31
N ASP D 194 -49.19 -22.70 -12.17
CA ASP D 194 -48.60 -23.91 -11.58
C ASP D 194 -47.48 -24.63 -12.33
N VAL D 195 -47.33 -24.39 -13.64
CA VAL D 195 -46.15 -24.82 -14.38
C VAL D 195 -44.89 -24.26 -13.73
N VAL D 196 -45.01 -23.15 -13.04
CA VAL D 196 -43.94 -22.59 -12.21
C VAL D 196 -43.37 -23.55 -11.22
N ASN D 197 -44.21 -24.32 -10.55
CA ASN D 197 -43.70 -25.30 -9.62
C ASN D 197 -42.83 -26.28 -10.36
N LEU D 198 -43.18 -26.62 -11.58
CA LEU D 198 -42.29 -27.45 -12.35
C LEU D 198 -40.96 -26.71 -12.60
N VAL D 199 -41.00 -25.42 -12.90
CA VAL D 199 -39.78 -24.71 -13.21
C VAL D 199 -38.86 -24.72 -12.03
N TYR D 200 -39.40 -24.46 -10.86
CA TYR D 200 -38.59 -24.44 -9.65
C TYR D 200 -38.07 -25.83 -9.51
N ASN D 201 -38.88 -26.82 -9.72
CA ASN D 201 -38.32 -28.11 -9.55
C ASN D 201 -37.28 -28.41 -10.64
N GLY D 202 -37.46 -27.96 -11.87
CA GLY D 202 -36.44 -28.16 -12.87
C GLY D 202 -35.16 -27.40 -12.56
N MET D 203 -35.29 -26.13 -12.18
CA MET D 203 -34.09 -25.38 -11.80
C MET D 203 -33.40 -26.01 -10.61
N PHE D 204 -34.19 -26.50 -9.65
CA PHE D 204 -33.66 -27.16 -8.45
C PHE D 204 -32.94 -28.46 -8.81
N PHE D 205 -33.52 -29.24 -9.69
CA PHE D 205 -32.93 -30.50 -10.14
C PHE D 205 -31.63 -30.25 -10.89
N LEU D 206 -31.62 -29.26 -11.77
CA LEU D 206 -30.40 -28.92 -12.49
C LEU D 206 -29.31 -28.44 -11.54
N THR D 207 -29.68 -27.63 -10.54
CA THR D 207 -28.67 -27.15 -9.60
C THR D 207 -28.07 -28.31 -8.81
N PHE D 208 -28.92 -29.24 -8.37
CA PHE D 208 -28.40 -30.38 -7.62
C PHE D 208 -27.52 -31.27 -8.51
N LEU D 209 -27.93 -31.47 -9.76
CA LEU D 209 -27.14 -32.32 -10.64
C LEU D 209 -25.81 -31.66 -10.98
N VAL D 210 -25.78 -30.34 -11.15
CA VAL D 210 -24.51 -29.66 -11.39
C VAL D 210 -23.63 -29.70 -10.15
N LEU D 211 -24.23 -29.54 -8.97
CA LEU D 211 -23.49 -29.67 -7.72
C LEU D 211 -22.83 -31.05 -7.63
N CYS D 212 -23.56 -32.09 -7.99
CA CYS D 212 -22.97 -33.38 -7.86
C CYS D 212 -21.92 -33.59 -8.95
N ALA D 213 -22.25 -33.25 -10.18
CA ALA D 213 -21.30 -33.43 -11.26
C ALA D 213 -20.06 -32.56 -11.12
N SER D 214 -20.09 -31.56 -10.26
CA SER D 214 -18.92 -30.75 -9.97
C SER D 214 -18.13 -31.29 -8.78
N SER D 215 -18.82 -31.67 -7.70
CA SER D 215 -18.13 -32.24 -6.56
C SER D 215 -17.52 -33.59 -6.89
N LEU D 216 -18.23 -34.44 -7.64
CA LEU D 216 -17.63 -35.69 -8.09
C LEU D 216 -16.48 -35.43 -9.03
N ALA D 217 -16.57 -34.41 -9.88
CA ALA D 217 -15.47 -34.06 -10.75
C ALA D 217 -14.24 -33.67 -9.95
N LEU D 218 -14.43 -32.84 -8.92
CA LEU D 218 -13.31 -32.44 -8.09
C LEU D 218 -12.71 -33.64 -7.37
N LEU D 219 -13.49 -34.62 -7.00
CA LEU D 219 -12.94 -35.72 -6.19
C LEU D 219 -12.29 -36.69 -7.09
N ILE D 220 -12.75 -36.75 -8.32
CA ILE D 220 -12.07 -37.62 -9.26
C ILE D 220 -10.78 -36.98 -9.72
N TRP D 221 -10.71 -35.64 -9.69
CA TRP D 221 -9.46 -34.98 -10.03
C TRP D 221 -8.44 -35.08 -8.89
N VAL D 222 -8.92 -34.99 -7.64
CA VAL D 222 -7.99 -34.99 -6.51
C VAL D 222 -7.36 -36.36 -6.32
N GLN D 223 -8.13 -37.43 -6.50
CA GLN D 223 -7.55 -38.76 -6.47
C GLN D 223 -6.56 -38.96 -7.60
N CYS D 224 -6.79 -38.28 -8.73
CA CYS D 224 -5.92 -38.33 -9.90
C CYS D 224 -5.08 -37.07 -10.03
N PHE D 225 -4.60 -36.55 -8.89
CA PHE D 225 -3.70 -35.40 -8.85
C PHE D 225 -2.58 -35.64 -7.84
N ARG D 236 -8.22 -38.08 4.61
CA ARG D 236 -9.54 -38.33 5.17
C ARG D 236 -10.29 -37.03 5.40
N ILE D 237 -9.54 -35.95 5.61
CA ILE D 237 -10.16 -34.64 5.76
C ILE D 237 -10.13 -33.85 4.46
N VAL D 238 -9.18 -34.14 3.56
CA VAL D 238 -9.25 -33.54 2.24
C VAL D 238 -10.44 -34.07 1.47
N LEU D 239 -10.80 -35.35 1.67
CA LEU D 239 -12.02 -35.88 1.06
C LEU D 239 -13.25 -35.21 1.63
N LEU D 240 -13.19 -34.74 2.86
CA LEU D 240 -14.31 -33.98 3.42
C LEU D 240 -14.33 -32.52 2.97
N THR D 241 -13.17 -31.95 2.69
CA THR D 241 -13.11 -30.59 2.15
C THR D 241 -13.62 -30.56 0.70
N VAL D 242 -13.26 -31.57 -0.09
CA VAL D 242 -13.72 -31.61 -1.47
C VAL D 242 -15.20 -31.94 -1.54
N LEU D 243 -15.75 -32.57 -0.51
CA LEU D 243 -17.16 -32.92 -0.44
C LEU D 243 -17.89 -32.14 0.64
N ALA D 244 -17.28 -31.06 1.14
CA ALA D 244 -17.89 -30.30 2.22
C ALA D 244 -19.20 -29.67 1.82
N PHE D 245 -19.47 -29.55 0.53
CA PHE D 245 -20.66 -28.83 0.08
C PHE D 245 -21.78 -29.74 -0.40
N LEU D 246 -21.47 -30.97 -0.82
CA LEU D 246 -22.54 -31.91 -1.10
C LEU D 246 -23.22 -32.37 0.19
N VAL D 247 -22.48 -32.38 1.30
CA VAL D 247 -23.06 -32.71 2.59
C VAL D 247 -24.08 -31.67 3.03
N LEU D 248 -23.89 -30.41 2.63
CA LEU D 248 -24.76 -29.32 3.12
C LEU D 248 -25.88 -29.02 2.21
N GLY D 249 -25.79 -29.46 0.99
CA GLY D 249 -26.86 -29.30 0.05
C GLY D 249 -27.63 -30.59 -0.13
N LEU D 250 -27.41 -31.51 0.81
CA LEU D 250 -28.17 -32.74 0.81
C LEU D 250 -29.44 -32.44 1.60
N PRO D 251 -29.29 -31.78 2.79
CA PRO D 251 -30.56 -31.47 3.45
C PRO D 251 -31.36 -30.44 2.71
N LEU D 252 -30.77 -29.69 1.77
CA LEU D 252 -31.67 -28.74 1.13
C LEU D 252 -32.62 -29.45 0.18
N GLY D 253 -32.09 -30.37 -0.62
CA GLY D 253 -32.95 -31.21 -1.43
C GLY D 253 -33.88 -32.07 -0.60
N ALA D 254 -33.39 -32.54 0.54
CA ALA D 254 -34.24 -33.34 1.42
C ALA D 254 -35.43 -32.52 1.92
N GLY D 255 -35.17 -31.28 2.34
CA GLY D 255 -36.25 -30.43 2.80
C GLY D 255 -37.23 -30.06 1.71
N LEU D 256 -36.72 -29.74 0.52
CA LEU D 256 -37.62 -29.43 -0.60
C LEU D 256 -38.46 -30.65 -0.96
N LEU D 257 -37.85 -31.84 -1.01
CA LEU D 257 -38.59 -33.05 -1.30
C LEU D 257 -39.62 -33.33 -0.24
N ALA D 258 -39.27 -33.11 1.03
CA ALA D 258 -40.24 -33.26 2.10
C ALA D 258 -41.42 -32.31 1.93
N ASP D 259 -41.13 -31.04 1.65
CA ASP D 259 -42.20 -30.05 1.54
C ASP D 259 -43.12 -30.36 0.36
N ARG D 260 -42.55 -30.73 -0.79
CA ARG D 260 -43.38 -30.99 -1.96
C ARG D 260 -44.08 -32.35 -1.88
N LEU D 261 -43.43 -33.35 -1.30
CA LEU D 261 -43.99 -34.69 -1.21
C LEU D 261 -44.53 -35.03 0.17
N SER D 262 -44.64 -34.05 1.07
CA SER D 262 -45.33 -34.29 2.34
C SER D 262 -46.78 -34.69 2.13
N PRO D 263 -47.53 -33.93 1.28
CA PRO D 263 -48.91 -34.40 1.16
C PRO D 263 -49.11 -35.81 0.58
N SER D 264 -48.13 -36.37 -0.09
CA SER D 264 -48.25 -37.73 -0.61
C SER D 264 -48.56 -38.71 0.52
N LEU D 265 -47.77 -38.64 1.59
CA LEU D 265 -48.04 -39.38 2.84
C LEU D 265 -47.97 -38.35 3.95
N PRO D 266 -49.04 -37.57 4.16
CA PRO D 266 -48.98 -36.49 5.15
C PRO D 266 -49.16 -37.00 6.57
N CYS D 267 -48.07 -36.98 7.34
CA CYS D 267 -48.14 -37.34 8.75
C CYS D 267 -47.22 -36.45 9.58
N PHE D 268 -47.03 -35.20 9.16
CA PHE D 268 -46.17 -34.27 9.87
C PHE D 268 -46.87 -33.55 11.01
N ASP D 269 -48.15 -33.86 11.25
CA ASP D 269 -48.82 -33.32 12.42
C ASP D 269 -48.20 -33.86 13.70
N ILE D 270 -47.95 -35.17 13.76
CA ILE D 270 -47.38 -35.79 14.95
C ILE D 270 -45.87 -35.84 14.82
N LEU D 271 -45.34 -35.17 13.80
CA LEU D 271 -43.92 -35.22 13.47
C LEU D 271 -43.20 -33.88 13.52
N LEU D 272 -43.89 -32.76 13.24
CA LEU D 272 -43.22 -31.48 13.19
C LEU D 272 -42.48 -31.14 14.48
N PRO D 273 -43.02 -31.40 15.67
CA PRO D 273 -42.28 -31.08 16.90
C PRO D 273 -40.91 -31.74 16.98
N ILE D 274 -40.73 -32.92 16.37
CA ILE D 274 -39.47 -33.64 16.42
C ILE D 274 -38.65 -33.35 15.17
N LEU D 275 -39.32 -33.20 14.04
CA LEU D 275 -38.62 -32.89 12.79
C LEU D 275 -37.94 -31.53 12.86
N HIS D 276 -38.55 -30.58 13.56
CA HIS D 276 -37.97 -29.25 13.66
C HIS D 276 -36.72 -29.27 14.55
N LEU D 277 -36.59 -30.25 15.43
CA LEU D 277 -35.33 -30.44 16.15
C LEU D 277 -34.21 -30.80 15.18
N LEU D 278 -34.50 -31.67 14.21
CA LEU D 278 -33.53 -31.97 13.16
C LEU D 278 -33.22 -30.73 12.33
N SER D 279 -34.24 -29.93 12.01
CA SER D 279 -34.01 -28.71 11.23
C SER D 279 -33.09 -27.75 11.97
N ALA D 280 -33.39 -27.46 13.22
CA ALA D 280 -32.54 -26.57 14.01
C ALA D 280 -31.15 -27.15 14.20
N LEU D 281 -31.04 -28.47 14.38
CA LEU D 281 -29.73 -29.08 14.51
C LEU D 281 -28.94 -28.91 13.22
N ASN D 282 -29.60 -28.98 12.08
CA ASN D 282 -28.93 -28.71 10.82
C ASN D 282 -28.41 -27.29 10.78
N SER D 283 -29.25 -26.32 11.17
CA SER D 283 -28.79 -24.94 11.15
C SER D 283 -27.77 -24.63 12.24
N GLY D 284 -27.59 -25.51 13.21
CA GLY D 284 -26.57 -25.32 14.22
C GLY D 284 -25.25 -26.00 13.88
N VAL D 285 -25.33 -27.12 13.16
CA VAL D 285 -24.12 -27.77 12.68
C VAL D 285 -23.61 -27.15 11.39
N ASN D 286 -24.45 -26.38 10.69
CA ASN D 286 -24.00 -25.67 9.50
C ASN D 286 -22.84 -24.71 9.75
N PRO D 287 -22.85 -23.88 10.81
CA PRO D 287 -21.73 -22.94 10.99
C PRO D 287 -20.37 -23.62 11.08
N LEU D 288 -20.27 -24.78 11.74
CA LEU D 288 -18.99 -25.45 11.80
C LEU D 288 -18.55 -25.93 10.43
N ILE D 289 -19.50 -26.26 9.56
CA ILE D 289 -19.16 -26.67 8.20
C ILE D 289 -18.68 -25.47 7.39
N TYR D 290 -19.24 -24.28 7.61
CA TYR D 290 -18.76 -23.09 6.90
C TYR D 290 -17.42 -22.70 7.47
N PHE D 291 -17.10 -23.11 8.66
CA PHE D 291 -15.80 -22.74 9.13
C PHE D 291 -14.80 -23.75 8.57
N PHE D 292 -15.19 -25.02 8.44
CA PHE D 292 -14.28 -25.99 7.87
C PHE D 292 -14.14 -25.88 6.37
N MET D 293 -14.94 -25.04 5.72
CA MET D 293 -14.91 -24.93 4.27
C MET D 293 -14.51 -23.57 3.75
N GLY D 294 -14.22 -22.61 4.63
CA GLY D 294 -13.82 -21.29 4.15
C GLY D 294 -12.80 -20.54 5.00
N ARG D 295 -12.24 -21.18 6.02
CA ARG D 295 -11.32 -20.50 6.92
C ARG D 295 -9.97 -20.25 6.28
N VAL E 2 2.40 27.52 -17.93
CA VAL E 2 1.07 27.03 -18.26
C VAL E 2 0.35 28.07 -19.10
N GLN E 3 -0.37 27.61 -20.11
CA GLN E 3 -1.11 28.48 -21.01
C GLN E 3 -2.53 27.95 -21.15
N LEU E 4 -3.47 28.88 -21.26
CA LEU E 4 -4.89 28.49 -21.27
C LEU E 4 -5.62 29.56 -22.07
N VAL E 5 -5.93 29.26 -23.32
CA VAL E 5 -6.46 30.27 -24.25
C VAL E 5 -7.88 29.88 -24.62
N GLU E 6 -8.80 30.83 -24.53
CA GLU E 6 -10.22 30.58 -24.71
C GLU E 6 -10.72 31.33 -25.93
N SER E 7 -11.74 30.78 -26.57
CA SER E 7 -12.26 31.36 -27.80
C SER E 7 -13.71 30.95 -28.00
N GLY E 8 -14.44 31.77 -28.74
CA GLY E 8 -15.82 31.47 -29.04
C GLY E 8 -16.75 32.65 -28.84
N GLY E 9 -16.19 33.80 -28.48
CA GLY E 9 -16.99 34.96 -28.19
C GLY E 9 -17.37 35.74 -29.43
N GLY E 10 -18.14 36.80 -29.22
CA GLY E 10 -18.57 37.68 -30.27
C GLY E 10 -19.96 38.19 -30.02
N LEU E 11 -20.63 38.61 -31.09
CA LEU E 11 -22.00 39.06 -31.02
C LEU E 11 -22.94 37.86 -31.07
N VAL E 12 -23.87 37.80 -30.13
CA VAL E 12 -24.94 36.82 -30.16
C VAL E 12 -26.27 37.55 -29.99
N GLN E 13 -27.17 37.37 -30.94
CA GLN E 13 -28.50 37.94 -30.77
C GLN E 13 -29.20 37.25 -29.61
N PRO E 14 -29.99 37.99 -28.83
CA PRO E 14 -30.59 37.41 -27.63
C PRO E 14 -31.45 36.20 -27.96
N GLY E 15 -31.41 35.21 -27.08
CA GLY E 15 -32.09 33.96 -27.32
C GLY E 15 -31.29 32.97 -28.15
N GLY E 16 -30.07 33.30 -28.51
CA GLY E 16 -29.24 32.41 -29.32
C GLY E 16 -28.57 31.35 -28.46
N SER E 17 -27.51 30.79 -29.01
CA SER E 17 -26.73 29.79 -28.31
C SER E 17 -25.30 29.82 -28.84
N ARG E 18 -24.34 29.62 -27.94
CA ARG E 18 -22.94 29.72 -28.33
C ARG E 18 -22.10 28.81 -27.47
N LYS E 19 -21.06 28.23 -28.05
CA LYS E 19 -20.18 27.29 -27.37
C LYS E 19 -18.82 27.96 -27.17
N LEU E 20 -18.50 28.30 -25.93
CA LEU E 20 -17.20 28.84 -25.57
C LEU E 20 -16.28 27.68 -25.28
N SER E 21 -15.09 27.66 -25.90
CA SER E 21 -14.15 26.58 -25.69
C SER E 21 -12.81 27.16 -25.27
N CYS E 22 -12.27 26.67 -24.16
CA CYS E 22 -10.94 27.05 -23.72
C CYS E 22 -10.02 25.83 -23.83
N SER E 23 -8.91 26.02 -24.51
CA SER E 23 -7.90 24.99 -24.71
C SER E 23 -6.75 25.21 -23.76
N ALA E 24 -6.39 24.17 -23.01
CA ALA E 24 -5.38 24.24 -21.98
C ALA E 24 -4.15 23.50 -22.47
N SER E 25 -3.04 24.21 -22.55
CA SER E 25 -1.77 23.64 -22.99
C SER E 25 -0.70 23.97 -21.98
N GLY E 26 -0.02 22.96 -21.47
CA GLY E 26 1.10 23.22 -20.60
C GLY E 26 0.95 22.69 -19.20
N PHE E 27 -0.12 21.98 -18.93
CA PHE E 27 -0.31 21.37 -17.61
C PHE E 27 -1.23 20.17 -17.72
N ALA E 28 -1.30 19.42 -16.63
CA ALA E 28 -2.12 18.22 -16.55
C ALA E 28 -3.58 18.65 -16.44
N PHE E 29 -4.21 18.82 -17.60
CA PHE E 29 -5.61 19.25 -17.63
C PHE E 29 -6.52 18.25 -16.96
N SER E 30 -6.27 16.96 -17.17
CA SER E 30 -7.19 15.94 -16.69
C SER E 30 -7.29 15.90 -15.17
N SER E 31 -6.27 16.37 -14.47
CA SER E 31 -6.20 16.27 -13.03
C SER E 31 -6.55 17.56 -12.31
N PHE E 32 -7.14 18.52 -13.02
CA PHE E 32 -7.42 19.82 -12.45
C PHE E 32 -8.89 20.13 -12.62
N GLY E 33 -9.56 20.51 -11.54
CA GLY E 33 -10.89 21.06 -11.67
C GLY E 33 -10.85 22.38 -12.42
N MET E 34 -11.93 22.72 -13.11
CA MET E 34 -11.86 23.90 -13.94
C MET E 34 -13.15 24.69 -13.83
N HIS E 35 -13.01 26.00 -13.68
CA HIS E 35 -14.10 26.92 -13.43
C HIS E 35 -14.30 27.84 -14.62
N TRP E 36 -15.51 28.36 -14.74
CA TRP E 36 -15.84 29.44 -15.66
C TRP E 36 -16.34 30.60 -14.82
N VAL E 37 -15.67 31.76 -14.95
CA VAL E 37 -16.08 33.00 -14.30
C VAL E 37 -16.30 34.04 -15.38
N ARG E 38 -16.91 35.17 -15.00
CA ARG E 38 -17.13 36.23 -15.98
C ARG E 38 -17.01 37.58 -15.31
N GLN E 39 -16.73 38.59 -16.13
CA GLN E 39 -16.72 39.98 -15.70
C GLN E 39 -17.54 40.79 -16.69
N ALA E 40 -18.59 41.44 -16.20
CA ALA E 40 -19.46 42.30 -16.99
C ALA E 40 -18.63 43.45 -17.58
N PRO E 41 -19.17 44.23 -18.52
CA PRO E 41 -18.34 45.25 -19.17
C PRO E 41 -17.61 46.20 -18.24
N GLU E 42 -18.25 46.65 -17.17
CA GLU E 42 -17.58 47.52 -16.19
C GLU E 42 -17.97 47.12 -14.78
N LYS E 43 -17.97 45.83 -14.50
CA LYS E 43 -18.37 45.35 -13.18
C LYS E 43 -17.41 44.30 -12.65
N GLY E 44 -17.78 43.62 -11.57
CA GLY E 44 -16.90 42.69 -10.91
C GLY E 44 -17.03 41.26 -11.42
N LEU E 45 -16.27 40.38 -10.78
CA LEU E 45 -16.22 38.99 -11.18
C LEU E 45 -17.44 38.24 -10.66
N GLU E 46 -17.87 37.24 -11.42
CA GLU E 46 -19.05 36.47 -11.05
C GLU E 46 -18.85 35.03 -11.51
N TRP E 47 -18.90 34.11 -10.57
CA TRP E 47 -18.69 32.70 -10.88
C TRP E 47 -19.85 32.15 -11.71
N VAL E 48 -19.51 31.36 -12.72
CA VAL E 48 -20.50 30.80 -13.66
C VAL E 48 -20.66 29.31 -13.46
N ALA E 49 -19.58 28.55 -13.59
CA ALA E 49 -19.73 27.10 -13.53
C ALA E 49 -18.45 26.46 -13.03
N TYR E 50 -18.54 25.18 -12.68
CA TYR E 50 -17.39 24.43 -12.21
C TYR E 50 -17.54 22.96 -12.57
N ILE E 51 -16.55 22.42 -13.28
CA ILE E 51 -16.51 21.01 -13.66
C ILE E 51 -15.31 20.38 -12.99
N SER E 52 -15.55 19.34 -12.21
CA SER E 52 -14.49 18.74 -11.42
C SER E 52 -13.62 17.83 -12.28
N SER E 53 -12.46 17.49 -11.73
CA SER E 53 -11.63 16.48 -12.35
C SER E 53 -12.38 15.16 -12.37
N GLY E 54 -12.43 14.52 -13.53
CA GLY E 54 -13.24 13.34 -13.70
C GLY E 54 -14.69 13.61 -14.05
N SER E 55 -15.10 14.87 -14.12
CA SER E 55 -16.45 15.25 -14.57
C SER E 55 -17.53 14.63 -13.71
N GLY E 56 -17.25 14.45 -12.42
CA GLY E 56 -18.20 13.88 -11.50
C GLY E 56 -18.94 14.85 -10.62
N THR E 57 -18.59 16.14 -10.68
CA THR E 57 -19.24 17.14 -9.84
C THR E 57 -19.29 18.44 -10.61
N ILE E 58 -20.49 18.82 -11.05
CA ILE E 58 -20.70 20.04 -11.80
C ILE E 58 -21.58 20.97 -10.99
N TYR E 59 -21.17 22.22 -10.85
CA TYR E 59 -21.93 23.23 -10.13
C TYR E 59 -22.17 24.42 -11.04
N TYR E 60 -23.36 25.01 -10.92
CA TYR E 60 -23.73 26.17 -11.71
C TYR E 60 -24.19 27.29 -10.80
N ALA E 61 -24.13 28.51 -11.32
CA ALA E 61 -24.69 29.65 -10.62
C ALA E 61 -26.20 29.67 -10.80
N ASP E 62 -26.87 30.41 -9.91
CA ASP E 62 -28.33 30.49 -9.98
C ASP E 62 -28.79 31.19 -11.25
N THR E 63 -28.10 32.24 -11.66
CA THR E 63 -28.45 32.99 -12.85
C THR E 63 -27.97 32.35 -14.10
N VAL E 64 -27.49 31.12 -13.98
CA VAL E 64 -26.83 30.42 -15.07
C VAL E 64 -27.45 29.03 -15.21
N LYS E 65 -28.06 28.56 -14.13
CA LYS E 65 -28.51 27.17 -14.06
C LYS E 65 -29.60 26.91 -15.09
N GLY E 66 -29.50 25.77 -15.77
CA GLY E 66 -30.49 25.37 -16.75
C GLY E 66 -30.14 25.81 -18.15
N ARG E 67 -29.64 27.03 -18.28
CA ARG E 67 -29.30 27.56 -19.60
C ARG E 67 -27.92 27.13 -20.07
N PHE E 68 -26.97 26.95 -19.15
CA PHE E 68 -25.58 26.71 -19.50
C PHE E 68 -25.19 25.29 -19.10
N THR E 69 -24.49 24.60 -19.99
CA THR E 69 -23.96 23.28 -19.72
C THR E 69 -22.45 23.30 -19.86
N ILE E 70 -21.74 22.92 -18.81
CA ILE E 70 -20.29 22.85 -18.81
C ILE E 70 -19.87 21.42 -19.06
N SER E 71 -18.79 21.25 -19.81
CA SER E 71 -18.28 19.92 -20.11
C SER E 71 -16.79 20.03 -20.40
N ARG E 72 -16.10 18.90 -20.35
CA ARG E 72 -14.68 18.89 -20.64
C ARG E 72 -14.36 17.68 -21.50
N ASP E 73 -13.44 17.87 -22.44
CA ASP E 73 -12.86 16.81 -23.24
C ASP E 73 -11.42 16.69 -22.77
N ASP E 74 -11.18 15.70 -21.92
CA ASP E 74 -9.84 15.48 -21.38
C ASP E 74 -8.84 15.08 -22.44
N PRO E 75 -9.11 14.10 -23.32
CA PRO E 75 -8.09 13.75 -24.32
C PRO E 75 -7.69 14.90 -25.21
N LYS E 76 -8.62 15.76 -25.59
CA LYS E 76 -8.32 16.91 -26.42
C LYS E 76 -7.91 18.13 -25.62
N ASN E 77 -7.99 18.05 -24.28
CA ASN E 77 -7.56 19.12 -23.38
C ASN E 77 -8.32 20.40 -23.65
N THR E 78 -9.65 20.33 -23.55
CA THR E 78 -10.45 21.51 -23.85
C THR E 78 -11.76 21.46 -23.08
N LEU E 79 -12.12 22.56 -22.43
CA LEU E 79 -13.40 22.62 -21.73
C LEU E 79 -14.34 23.55 -22.48
N PHE E 80 -15.61 23.18 -22.50
CA PHE E 80 -16.63 23.87 -23.26
C PHE E 80 -17.75 24.31 -22.34
N LEU E 81 -18.24 25.53 -22.55
CA LEU E 81 -19.44 26.05 -21.92
C LEU E 81 -20.45 26.31 -23.02
N GLN E 82 -21.48 25.49 -23.07
CA GLN E 82 -22.56 25.63 -24.04
C GLN E 82 -23.62 26.52 -23.41
N MET E 83 -23.81 27.71 -23.97
CA MET E 83 -24.73 28.69 -23.44
C MET E 83 -25.96 28.71 -24.32
N THR E 84 -27.12 28.45 -23.73
CA THR E 84 -28.39 28.37 -24.44
C THR E 84 -29.36 29.41 -23.91
N SER E 85 -30.12 30.03 -24.82
CA SER E 85 -31.10 31.05 -24.48
C SER E 85 -30.42 32.23 -23.76
N LEU E 86 -29.57 32.90 -24.52
CA LEU E 86 -28.77 33.99 -23.97
C LEU E 86 -29.66 35.19 -23.65
N ARG E 87 -29.22 35.98 -22.69
CA ARG E 87 -29.89 37.21 -22.30
C ARG E 87 -28.91 38.36 -22.37
N SER E 88 -29.43 39.57 -22.19
CA SER E 88 -28.57 40.75 -22.21
C SER E 88 -27.68 40.85 -20.99
N GLU E 89 -28.06 40.23 -19.88
CA GLU E 89 -27.25 40.27 -18.68
C GLU E 89 -26.09 39.30 -18.73
N ASP E 90 -26.04 38.43 -19.73
CA ASP E 90 -24.98 37.44 -19.85
C ASP E 90 -23.80 37.95 -20.65
N THR E 91 -23.82 39.21 -21.09
CA THR E 91 -22.66 39.77 -21.77
C THR E 91 -21.53 39.97 -20.78
N ALA E 92 -20.34 39.51 -21.15
CA ALA E 92 -19.20 39.59 -20.25
C ALA E 92 -17.95 39.13 -20.98
N MET E 93 -16.81 39.39 -20.36
CA MET E 93 -15.58 38.69 -20.69
C MET E 93 -15.56 37.43 -19.84
N TYR E 94 -15.60 36.28 -20.49
CA TYR E 94 -15.61 35.01 -19.80
C TYR E 94 -14.18 34.50 -19.65
N TYR E 95 -13.82 34.18 -18.41
CA TYR E 95 -12.50 33.66 -18.07
C TYR E 95 -12.65 32.22 -17.66
N CYS E 96 -11.67 31.41 -18.06
CA CYS E 96 -11.58 30.03 -17.64
C CYS E 96 -10.48 29.91 -16.60
N VAL E 97 -10.81 29.35 -15.43
CA VAL E 97 -9.93 29.39 -14.29
C VAL E 97 -9.52 27.98 -13.93
N ARG E 98 -8.21 27.77 -13.83
CA ARG E 98 -7.63 26.51 -13.43
C ARG E 98 -7.75 26.37 -11.92
N SER E 99 -8.03 25.16 -11.44
CA SER E 99 -8.13 24.99 -10.00
C SER E 99 -8.00 23.55 -9.54
N ILE E 100 -6.95 23.23 -8.80
CA ILE E 100 -6.78 21.90 -8.21
C ILE E 100 -7.15 21.97 -6.74
N TYR E 101 -7.49 20.82 -6.18
CA TYR E 101 -7.92 20.73 -4.79
C TYR E 101 -7.29 19.51 -4.14
N TYR E 102 -6.34 19.75 -3.24
CA TYR E 102 -5.84 18.76 -2.31
C TYR E 102 -5.32 19.50 -1.09
N TYR E 103 -4.72 18.78 -0.16
CA TYR E 103 -4.14 19.45 1.00
C TYR E 103 -2.96 20.28 0.58
N GLY E 104 -3.04 21.58 0.83
CA GLY E 104 -1.99 22.50 0.45
C GLY E 104 -2.11 23.07 -0.93
N SER E 105 -3.12 22.69 -1.68
CA SER E 105 -3.27 23.18 -3.04
C SER E 105 -3.61 24.66 -3.03
N SER E 106 -3.39 25.30 -4.18
CA SER E 106 -3.68 26.71 -4.38
C SER E 106 -4.65 26.83 -5.54
N PRO E 107 -5.94 26.64 -5.28
CA PRO E 107 -6.92 26.75 -6.37
C PRO E 107 -6.96 28.16 -6.92
N PHE E 108 -7.44 28.27 -8.16
CA PHE E 108 -7.52 29.53 -8.88
C PHE E 108 -6.13 30.09 -9.18
N ASP E 109 -5.20 29.20 -9.53
CA ASP E 109 -3.85 29.62 -9.88
C ASP E 109 -3.83 30.43 -11.18
N PHE E 110 -4.24 29.81 -12.27
CA PHE E 110 -4.09 30.38 -13.60
C PHE E 110 -5.44 30.79 -14.15
N TRP E 111 -5.45 31.92 -14.85
CA TRP E 111 -6.65 32.46 -15.48
C TRP E 111 -6.34 32.69 -16.95
N GLY E 112 -7.33 32.45 -17.79
CA GLY E 112 -7.14 32.66 -19.21
C GLY E 112 -7.24 34.12 -19.59
N GLN E 113 -6.98 34.39 -20.86
CA GLN E 113 -7.08 35.75 -21.37
C GLN E 113 -8.53 36.17 -21.59
N GLY E 114 -9.46 35.22 -21.68
CA GLY E 114 -10.87 35.52 -21.71
C GLY E 114 -11.40 35.73 -23.11
N THR E 115 -12.72 35.53 -23.24
CA THR E 115 -13.44 35.75 -24.49
C THR E 115 -14.55 36.75 -24.25
N THR E 116 -14.63 37.77 -25.10
CA THR E 116 -15.69 38.76 -24.97
C THR E 116 -16.93 38.29 -25.70
N LEU E 117 -18.03 38.16 -24.95
CA LEU E 117 -19.31 37.73 -25.51
C LEU E 117 -20.33 38.81 -25.21
N THR E 118 -20.88 39.43 -26.25
CA THR E 118 -21.85 40.49 -26.10
C THR E 118 -23.16 40.07 -26.74
N VAL E 119 -24.25 40.28 -26.01
CA VAL E 119 -25.59 39.96 -26.47
C VAL E 119 -26.30 41.28 -26.75
N SER E 120 -26.62 41.52 -28.01
CA SER E 120 -27.25 42.78 -28.41
C SER E 120 -28.66 42.88 -27.85
N ASP E 138 -26.16 32.21 -0.30
CA ASP E 138 -25.28 33.17 -0.97
C ASP E 138 -24.51 34.01 0.04
N ILE E 139 -23.21 33.75 0.15
CA ILE E 139 -22.38 34.41 1.15
C ILE E 139 -21.94 35.74 0.54
N VAL E 140 -22.75 36.77 0.75
CA VAL E 140 -22.44 38.08 0.20
C VAL E 140 -21.16 38.61 0.82
N MET E 141 -20.25 39.08 -0.03
CA MET E 141 -18.95 39.60 0.41
C MET E 141 -18.86 41.05 -0.01
N THR E 142 -18.69 41.94 0.96
CA THR E 142 -18.73 43.37 0.72
C THR E 142 -17.34 43.97 0.89
N GLN E 143 -16.98 44.85 -0.03
CA GLN E 143 -15.70 45.55 -0.02
C GLN E 143 -16.01 47.03 -0.14
N ALA E 144 -16.11 47.71 0.99
CA ALA E 144 -16.66 49.07 1.01
C ALA E 144 -15.80 50.02 0.20
N THR E 145 -14.48 49.89 0.31
CA THR E 145 -13.58 50.76 -0.44
C THR E 145 -13.68 50.41 -1.91
N SER E 146 -14.42 51.22 -2.66
CA SER E 146 -14.49 51.04 -4.10
C SER E 146 -13.31 51.67 -4.82
N SER E 147 -12.57 52.54 -4.15
CA SER E 147 -11.38 53.15 -4.73
C SER E 147 -10.55 53.74 -3.61
N VAL E 148 -9.25 53.42 -3.58
CA VAL E 148 -8.35 53.91 -2.55
C VAL E 148 -7.22 54.68 -3.23
N PRO E 149 -7.14 56.00 -3.09
CA PRO E 149 -5.99 56.73 -3.63
C PRO E 149 -4.72 56.33 -2.91
N VAL E 150 -3.61 56.36 -3.63
CA VAL E 150 -2.33 55.93 -3.07
C VAL E 150 -1.19 56.41 -3.96
N THR E 151 0.01 56.48 -3.36
CA THR E 151 1.28 56.85 -3.92
C THR E 151 2.28 55.71 -3.74
N PRO E 152 3.09 55.41 -4.74
CA PRO E 152 4.02 54.27 -4.63
C PRO E 152 4.98 54.44 -3.47
N GLY E 153 5.26 53.32 -2.81
CA GLY E 153 6.16 53.31 -1.67
C GLY E 153 5.49 53.33 -0.31
N GLU E 154 4.17 53.28 -0.25
CA GLU E 154 3.44 53.32 1.02
C GLU E 154 2.53 52.12 1.14
N SER E 155 2.34 51.65 2.37
CA SER E 155 1.52 50.47 2.60
C SER E 155 0.05 50.78 2.34
N VAL E 156 -0.65 49.76 1.84
CA VAL E 156 -2.09 49.86 1.55
C VAL E 156 -2.77 48.68 2.23
N SER E 157 -4.02 48.88 2.62
CA SER E 157 -4.83 47.83 3.22
C SER E 157 -6.19 47.82 2.56
N ILE E 158 -6.55 46.68 1.97
CA ILE E 158 -7.84 46.47 1.32
C ILE E 158 -8.59 45.43 2.14
N SER E 159 -9.76 45.80 2.63
CA SER E 159 -10.50 44.96 3.57
C SER E 159 -11.84 44.55 2.98
N CYS E 160 -12.26 43.33 3.26
CA CYS E 160 -13.62 42.93 2.94
C CYS E 160 -14.18 42.04 4.04
N ARG E 161 -15.50 42.09 4.18
CA ARG E 161 -16.22 41.38 5.22
C ARG E 161 -17.01 40.25 4.58
N SER E 162 -17.75 39.51 5.42
CA SER E 162 -18.61 38.46 4.93
C SER E 162 -19.83 38.37 5.81
N SER E 163 -20.94 37.94 5.22
CA SER E 163 -22.17 37.72 5.96
C SER E 163 -22.14 36.41 6.73
N LYS E 164 -21.20 35.53 6.42
CA LYS E 164 -21.06 34.26 7.10
C LYS E 164 -19.58 34.01 7.36
N SER E 165 -19.27 33.57 8.56
CA SER E 165 -17.88 33.30 8.90
C SER E 165 -17.32 32.21 8.03
N LEU E 166 -16.14 32.43 7.47
CA LEU E 166 -15.51 31.49 6.55
C LEU E 166 -14.59 30.52 7.26
N LEU E 167 -14.39 30.67 8.57
CA LEU E 167 -13.56 29.74 9.34
C LEU E 167 -14.33 28.44 9.50
N HIS E 168 -14.06 27.49 8.62
CA HIS E 168 -14.66 26.17 8.74
C HIS E 168 -14.13 25.47 9.98
N SER E 169 -14.87 24.46 10.42
CA SER E 169 -14.50 23.73 11.62
C SER E 169 -13.18 22.99 11.46
N ASN E 170 -12.76 22.70 10.22
CA ASN E 170 -11.51 21.99 10.02
C ASN E 170 -10.31 22.82 10.42
N GLY E 171 -10.39 24.14 10.24
CA GLY E 171 -9.35 24.99 10.76
C GLY E 171 -8.94 26.14 9.86
N ASN E 172 -9.28 26.09 8.58
CA ASN E 172 -8.79 27.08 7.63
C ASN E 172 -9.93 27.90 7.07
N THR E 173 -9.71 29.19 6.96
CA THR E 173 -10.70 30.11 6.40
C THR E 173 -10.51 30.20 4.89
N TYR E 174 -11.61 30.09 4.16
CA TYR E 174 -11.57 29.91 2.72
C TYR E 174 -11.82 31.25 2.01
N LEU E 175 -10.86 32.15 2.13
CA LEU E 175 -10.88 33.42 1.44
C LEU E 175 -9.73 33.51 0.46
N TYR E 176 -10.00 34.05 -0.73
CA TYR E 176 -8.99 34.17 -1.77
C TYR E 176 -8.93 35.61 -2.26
N TRP E 177 -7.74 36.16 -2.31
CA TRP E 177 -7.52 37.53 -2.77
C TRP E 177 -6.88 37.48 -4.15
N PHE E 178 -7.53 38.12 -5.11
CA PHE E 178 -7.12 38.19 -6.50
C PHE E 178 -6.78 39.63 -6.88
N LEU E 179 -5.87 39.77 -7.83
CA LEU E 179 -5.48 41.06 -8.39
C LEU E 179 -5.69 41.03 -9.89
N GLN E 180 -6.28 42.10 -10.42
CA GLN E 180 -6.50 42.23 -11.85
C GLN E 180 -5.89 43.56 -12.27
N ARG E 181 -4.73 43.49 -12.91
CA ARG E 181 -4.09 44.68 -13.43
C ARG E 181 -4.88 45.19 -14.63
N PRO E 182 -4.74 46.47 -14.96
CA PRO E 182 -5.50 47.01 -16.10
C PRO E 182 -5.18 46.27 -17.39
N GLY E 183 -6.23 45.77 -18.04
CA GLY E 183 -6.07 45.12 -19.32
C GLY E 183 -5.42 43.76 -19.28
N GLN E 184 -5.48 43.07 -18.14
CA GLN E 184 -4.91 41.74 -18.02
C GLN E 184 -5.89 40.85 -17.26
N SER E 185 -5.60 39.56 -17.26
CA SER E 185 -6.41 38.59 -16.54
C SER E 185 -6.10 38.62 -15.05
N PRO E 186 -7.05 38.22 -14.21
CA PRO E 186 -6.81 38.18 -12.77
C PRO E 186 -5.71 37.20 -12.40
N GLN E 187 -4.92 37.57 -11.40
CA GLN E 187 -3.82 36.77 -10.90
C GLN E 187 -3.99 36.55 -9.42
N LEU E 188 -3.87 35.30 -8.98
CA LEU E 188 -4.10 34.97 -7.59
C LEU E 188 -3.00 35.56 -6.72
N LEU E 189 -3.41 36.22 -5.63
CA LEU E 189 -2.47 36.77 -4.67
C LEU E 189 -2.38 35.91 -3.42
N ILE E 190 -3.50 35.69 -2.75
CA ILE E 190 -3.52 34.99 -1.47
C ILE E 190 -4.61 33.94 -1.51
N TYR E 191 -4.29 32.72 -1.07
CA TYR E 191 -5.29 31.67 -0.96
C TYR E 191 -5.45 31.27 0.49
N ARG E 192 -6.70 31.23 0.95
CA ARG E 192 -7.06 30.85 2.31
C ARG E 192 -6.57 31.88 3.35
N MET E 193 -6.61 33.14 2.96
CA MET E 193 -6.60 34.30 3.86
C MET E 193 -5.23 34.56 4.49
N SER E 194 -4.31 33.62 4.37
CA SER E 194 -2.98 33.86 4.90
C SER E 194 -1.86 33.33 4.02
N ASN E 195 -2.14 32.48 3.04
CA ASN E 195 -1.10 31.85 2.25
C ASN E 195 -0.81 32.69 1.02
N LEU E 196 0.45 32.74 0.65
CA LEU E 196 0.90 33.56 -0.45
C LEU E 196 1.08 32.66 -1.68
N ALA E 197 0.55 33.09 -2.81
CA ALA E 197 0.56 32.26 -4.01
C ALA E 197 1.98 32.06 -4.50
N SER E 198 2.12 31.23 -5.53
CA SER E 198 3.42 30.93 -6.10
C SER E 198 3.74 31.96 -7.18
N GLY E 199 4.76 32.77 -6.93
CA GLY E 199 5.13 33.81 -7.86
C GLY E 199 4.69 35.20 -7.49
N VAL E 200 4.08 35.37 -6.33
CA VAL E 200 3.62 36.68 -5.87
C VAL E 200 4.61 37.20 -4.83
N PRO E 201 4.98 38.47 -4.86
CA PRO E 201 6.02 38.97 -3.95
C PRO E 201 5.60 38.87 -2.50
N ASP E 202 6.61 38.81 -1.63
CA ASP E 202 6.39 38.68 -0.20
C ASP E 202 5.78 39.93 0.42
N ARG E 203 5.73 41.04 -0.31
CA ARG E 203 5.16 42.25 0.27
C ARG E 203 3.67 42.11 0.51
N PHE E 204 2.99 41.23 -0.23
CA PHE E 204 1.58 41.00 0.00
C PHE E 204 1.39 40.13 1.24
N SER E 205 0.43 40.50 2.08
CA SER E 205 0.10 39.71 3.25
C SER E 205 -1.41 39.72 3.45
N GLY E 206 -1.92 38.64 4.00
CA GLY E 206 -3.34 38.51 4.28
C GLY E 206 -3.55 38.17 5.73
N SER E 207 -4.65 38.66 6.29
CA SER E 207 -4.93 38.42 7.70
C SER E 207 -6.41 38.62 7.96
N GLY E 208 -6.83 38.25 9.15
CA GLY E 208 -8.16 38.54 9.62
C GLY E 208 -8.75 37.34 10.32
N SER E 209 -10.04 37.45 10.62
CA SER E 209 -10.82 36.38 11.19
C SER E 209 -12.09 36.24 10.37
N GLY E 210 -12.90 35.23 10.68
CA GLY E 210 -14.15 35.05 9.97
C GLY E 210 -14.98 36.31 10.01
N THR E 211 -15.47 36.72 8.85
CA THR E 211 -16.29 37.92 8.62
C THR E 211 -15.48 39.20 8.63
N ALA E 212 -14.15 39.15 8.62
CA ALA E 212 -13.35 40.37 8.55
C ALA E 212 -11.96 40.02 8.05
N PHE E 213 -11.61 40.47 6.86
CA PHE E 213 -10.33 40.14 6.25
C PHE E 213 -9.66 41.40 5.71
N THR E 214 -8.33 41.40 5.78
CA THR E 214 -7.51 42.53 5.35
C THR E 214 -6.31 42.04 4.56
N LEU E 215 -6.07 42.67 3.43
CA LEU E 215 -4.88 42.47 2.61
C LEU E 215 -3.99 43.69 2.77
N THR E 216 -2.75 43.48 3.16
CA THR E 216 -1.79 44.55 3.35
C THR E 216 -0.67 44.41 2.32
N ILE E 217 -0.45 45.48 1.56
CA ILE E 217 0.69 45.58 0.66
C ILE E 217 1.67 46.54 1.33
N SER E 218 2.81 46.01 1.76
CA SER E 218 3.86 46.84 2.31
C SER E 218 4.80 47.25 1.18
N ARG E 219 5.19 48.52 1.17
CA ARG E 219 6.08 49.06 0.15
C ARG E 219 5.49 48.86 -1.24
N LEU E 220 4.35 49.52 -1.44
CA LEU E 220 3.63 49.43 -2.71
C LEU E 220 4.52 49.91 -3.84
N GLU E 221 4.62 49.11 -4.89
CA GLU E 221 5.46 49.42 -6.04
C GLU E 221 4.67 49.18 -7.30
N ALA E 222 4.47 50.24 -8.08
CA ALA E 222 3.60 50.18 -9.26
C ALA E 222 3.99 49.02 -10.16
N GLU E 223 3.06 48.65 -11.03
CA GLU E 223 2.90 47.34 -11.67
C GLU E 223 2.16 46.41 -10.74
N ASP E 224 1.61 46.93 -9.64
CA ASP E 224 0.62 46.22 -8.84
C ASP E 224 -0.55 47.11 -8.47
N VAL E 225 -0.88 48.08 -9.29
CA VAL E 225 -2.12 48.83 -9.18
C VAL E 225 -3.16 48.13 -10.04
N GLY E 226 -4.42 48.34 -9.72
CA GLY E 226 -5.49 47.64 -10.41
C GLY E 226 -6.60 47.31 -9.44
N VAL E 227 -7.46 46.37 -9.83
CA VAL E 227 -8.65 46.07 -9.05
C VAL E 227 -8.40 44.80 -8.25
N TYR E 228 -8.64 44.89 -6.95
CA TYR E 228 -8.44 43.77 -6.03
C TYR E 228 -9.79 43.19 -5.64
N TYR E 229 -9.91 41.87 -5.78
CA TYR E 229 -11.15 41.16 -5.48
C TYR E 229 -10.91 40.17 -4.36
N CYS E 230 -11.95 39.91 -3.58
CA CYS E 230 -11.91 38.87 -2.56
C CYS E 230 -13.07 37.92 -2.76
N MET E 231 -12.77 36.63 -2.76
CA MET E 231 -13.69 35.58 -3.16
C MET E 231 -13.79 34.54 -2.06
N GLN E 232 -15.00 34.09 -1.78
CA GLN E 232 -15.20 33.04 -0.81
C GLN E 232 -15.16 31.68 -1.49
N HIS E 233 -14.75 30.67 -0.74
CA HIS E 233 -14.78 29.31 -1.24
C HIS E 233 -15.31 28.33 -0.20
N LEU E 234 -16.08 28.81 0.77
CA LEU E 234 -16.64 27.92 1.78
C LEU E 234 -17.76 27.08 1.20
N GLU E 235 -18.62 27.68 0.40
CA GLU E 235 -19.81 27.00 -0.11
C GLU E 235 -20.12 27.51 -1.51
N TYR E 236 -20.56 26.61 -2.37
CA TYR E 236 -21.02 27.04 -3.68
C TYR E 236 -22.41 27.64 -3.58
N PRO E 237 -22.71 28.71 -4.33
CA PRO E 237 -21.85 29.37 -5.30
C PRO E 237 -20.78 30.23 -4.66
N LEU E 238 -19.67 30.39 -5.36
CA LEU E 238 -18.58 31.23 -4.90
C LEU E 238 -18.91 32.68 -5.20
N THR E 239 -18.93 33.51 -4.17
CA THR E 239 -19.26 34.91 -4.33
C THR E 239 -17.98 35.75 -4.30
N PHE E 240 -17.93 36.72 -5.19
CA PHE E 240 -16.83 37.67 -5.27
C PHE E 240 -17.23 38.97 -4.56
N GLY E 241 -16.39 39.99 -4.70
CA GLY E 241 -16.71 41.31 -4.22
C GLY E 241 -16.60 42.32 -5.36
N ALA E 242 -17.01 43.55 -5.06
CA ALA E 242 -16.90 44.61 -6.06
C ALA E 242 -15.46 44.87 -6.44
N GLY E 243 -14.57 44.84 -5.46
CA GLY E 243 -13.15 45.02 -5.71
C GLY E 243 -12.70 46.46 -5.57
N THR E 244 -11.64 46.67 -4.82
CA THR E 244 -11.09 48.00 -4.61
C THR E 244 -10.12 48.35 -5.74
N LYS E 245 -10.29 49.54 -6.30
CA LYS E 245 -9.47 49.97 -7.43
C LYS E 245 -8.35 50.85 -6.91
N LEU E 246 -7.13 50.32 -6.93
CA LEU E 246 -5.94 51.07 -6.56
C LEU E 246 -5.39 51.76 -7.80
N GLU E 247 -5.37 53.08 -7.78
CA GLU E 247 -4.86 53.88 -8.89
C GLU E 247 -3.64 54.67 -8.43
N LEU E 248 -2.69 54.86 -9.34
CA LEU E 248 -1.45 55.56 -9.03
C LEU E 248 -1.61 57.06 -9.23
C10 A1D6H F . -34.36 -27.87 6.36
C03 A1D6H F . -35.11 -30.22 6.32
C04 A1D6H F . -36.29 -30.93 6.46
C05 A1D6H F . -33.90 -30.80 6.66
C06 A1D6H F . -36.25 -32.23 6.93
C07 A1D6H F . -33.87 -32.10 7.13
C08 A1D6H F . -35.04 -32.81 7.26
C09 A1D6H F . -35.13 -28.78 5.80
C11 A1D6H F . -38.30 -30.03 7.22
C12 A1D6H F . -34.39 -26.44 5.84
O01 A1D6H F . -37.52 -30.34 6.12
O02 A1D6H F . -33.61 -26.11 5.02
#